data_7BY9
#
_entry.id   7BY9
#
_cell.length_a   63.156
_cell.length_b   83.239
_cell.length_c   119.477
_cell.angle_alpha   90.000
_cell.angle_beta   93.420
_cell.angle_gamma   90.000
#
_symmetry.space_group_name_H-M   'P 1 21 1'
#
loop_
_entity.id
_entity.type
_entity.pdbx_description
1 polymer 'Malate dehydrogenase'
2 non-polymer NICOTINAMIDE-ADENINE-DINUCLEOTIDE
3 non-polymer 'OXALOACETATE ION'
4 water water
#
_entity_poly.entity_id   1
_entity_poly.type   'polypeptide(L)'
_entity_poly.pdbx_seq_one_letter_code
;MGSSHHHHHHSSGLVPRGSHMAMKRKKISVIGAGFTGATTAFLLAQKELGDVVLVDIPQLENPTKGKALDMLEASPVLGF
DANIIGTSDYADTADSDIVVITAGIARKPGMSRDDLVTTNQKIMKQVTKEVVKYSPNCYIIVLTNPVDAMTYTVFKESGF
PKNRVIGQSGVLDTARFRTFVAEELNISVKDVTGFVLGGHGDDMVPLVRYSYAGGIPLEKLIPKDRLDAIVERTRKGGGE
IVNLLGNGSAYYAPAASLVEMVEAILKDQRRILPAIAYLEGEYGYEGIYLGVPTILGGNGIEKVIELELTEEEKAALAKS
VESVKNVMRMLE
;
_entity_poly.pdbx_strand_id   A,B,C,D
#
# COMPACT_ATOMS: atom_id res chain seq x y z
N ALA A 22 24.56 -9.23 -5.46
CA ALA A 22 24.78 -7.75 -5.33
C ALA A 22 23.88 -7.00 -6.33
N MET A 23 22.59 -7.37 -6.35
CA MET A 23 21.55 -6.85 -7.28
C MET A 23 20.62 -5.91 -6.50
N LYS A 24 20.60 -4.64 -6.92
CA LYS A 24 20.36 -3.44 -6.06
C LYS A 24 19.07 -2.76 -6.48
N ARG A 25 18.83 -1.56 -5.95
CA ARG A 25 17.67 -0.70 -6.30
C ARG A 25 17.78 -0.22 -7.75
N LYS A 26 16.61 -0.08 -8.36
CA LYS A 26 16.35 0.58 -9.65
C LYS A 26 16.71 2.07 -9.50
N LYS A 27 16.91 2.75 -10.63
CA LYS A 27 17.34 4.17 -10.67
C LYS A 27 16.47 4.90 -11.70
N ILE A 28 15.70 5.87 -11.23
CA ILE A 28 14.80 6.69 -12.09
C ILE A 28 15.33 8.12 -12.02
N SER A 29 15.60 8.68 -13.19
CA SER A 29 16.06 10.08 -13.28
C SER A 29 14.91 10.88 -13.89
N VAL A 30 14.47 11.95 -13.22
CA VAL A 30 13.41 12.87 -13.70
C VAL A 30 14.06 14.20 -14.09
N ILE A 31 14.21 14.44 -15.39
CA ILE A 31 14.73 15.69 -16.01
C ILE A 31 13.60 16.74 -15.94
N GLY A 32 13.92 17.95 -15.49
CA GLY A 32 12.92 18.97 -15.09
C GLY A 32 12.36 18.67 -13.72
N ALA A 33 12.60 19.59 -12.78
CA ALA A 33 12.21 19.52 -11.36
C ALA A 33 11.06 20.51 -11.13
N GLY A 34 10.22 20.70 -12.15
CA GLY A 34 9.06 21.59 -12.11
C GLY A 34 7.96 20.90 -11.33
N PHE A 35 6.71 21.35 -11.50
CA PHE A 35 5.53 20.76 -10.79
C PHE A 35 5.35 19.29 -11.20
N THR A 36 5.58 18.93 -12.48
CA THR A 36 5.32 17.56 -12.97
C THR A 36 6.51 16.69 -12.57
N GLY A 37 7.73 17.09 -12.95
CA GLY A 37 8.95 16.36 -12.62
C GLY A 37 9.08 16.10 -11.13
N ALA A 38 8.68 17.07 -10.28
CA ALA A 38 8.90 17.04 -8.82
C ALA A 38 7.85 16.13 -8.18
N THR A 39 6.55 16.42 -8.41
CA THR A 39 5.39 15.57 -8.02
C THR A 39 5.65 14.10 -8.39
N THR A 40 6.23 13.84 -9.58
CA THR A 40 6.40 12.50 -10.23
C THR A 40 7.48 11.76 -9.50
N ALA A 41 8.61 12.46 -9.35
CA ALA A 41 9.72 12.03 -8.49
C ALA A 41 9.15 11.69 -7.09
N PHE A 42 8.22 12.47 -6.55
CA PHE A 42 7.79 12.24 -5.14
C PHE A 42 7.07 10.89 -5.08
N LEU A 43 6.11 10.67 -5.99
CA LEU A 43 5.31 9.42 -6.14
C LEU A 43 6.21 8.19 -6.30
N LEU A 44 7.30 8.34 -7.05
CA LEU A 44 8.22 7.25 -7.47
C LEU A 44 8.91 6.66 -6.24
N ALA A 45 9.48 7.54 -5.45
CA ALA A 45 10.22 7.26 -4.21
C ALA A 45 9.27 6.58 -3.23
N GLN A 46 8.09 7.18 -3.04
CA GLN A 46 7.11 6.78 -1.99
C GLN A 46 6.48 5.42 -2.33
N LYS A 47 6.54 4.99 -3.59
CA LYS A 47 6.14 3.60 -3.99
C LYS A 47 7.39 2.71 -4.00
N GLU A 48 8.52 3.17 -3.49
CA GLU A 48 9.79 2.41 -3.52
C GLU A 48 9.98 1.77 -4.90
N LEU A 49 9.74 2.51 -5.98
CA LEU A 49 10.05 2.04 -7.35
C LEU A 49 11.54 2.23 -7.61
N GLY A 50 12.20 2.95 -6.70
CA GLY A 50 13.67 2.97 -6.61
C GLY A 50 14.23 4.33 -6.24
N ASP A 51 15.52 4.51 -6.53
CA ASP A 51 16.27 5.76 -6.27
C ASP A 51 15.87 6.74 -7.36
N VAL A 52 15.66 7.99 -6.97
CA VAL A 52 15.22 9.07 -7.87
C VAL A 52 16.31 10.16 -7.90
N VAL A 53 16.86 10.43 -9.09
CA VAL A 53 17.76 11.61 -9.33
C VAL A 53 16.93 12.67 -10.06
N LEU A 54 16.60 13.81 -9.41
CA LEU A 54 15.83 14.94 -10.02
C LEU A 54 16.77 15.99 -10.61
N VAL A 55 16.63 16.28 -11.92
CA VAL A 55 17.56 17.08 -12.77
C VAL A 55 16.91 18.32 -13.40
N ASP A 56 17.47 19.51 -13.15
CA ASP A 56 16.96 20.75 -13.81
C ASP A 56 18.17 21.58 -14.25
N ILE A 57 17.96 22.84 -14.64
CA ILE A 57 19.08 23.65 -15.23
C ILE A 57 19.97 24.16 -14.10
N PRO A 58 21.23 24.57 -14.40
CA PRO A 58 22.21 24.96 -13.39
C PRO A 58 21.79 26.12 -12.47
N GLN A 59 20.93 27.03 -12.94
CA GLN A 59 20.48 28.21 -12.15
C GLN A 59 19.56 27.72 -11.03
N LEU A 60 18.90 26.58 -11.26
CA LEU A 60 17.78 26.07 -10.43
C LEU A 60 18.24 24.82 -9.68
N GLU A 61 19.57 24.69 -9.49
CA GLU A 61 20.23 23.53 -8.85
C GLU A 61 19.80 23.55 -7.37
N ASN A 62 20.08 24.65 -6.66
CA ASN A 62 19.71 24.91 -5.23
C ASN A 62 18.23 24.62 -5.00
N PRO A 63 17.28 25.19 -5.79
CA PRO A 63 15.86 24.86 -5.66
C PRO A 63 15.51 23.37 -5.88
N THR A 64 16.07 22.74 -6.92
CA THR A 64 15.97 21.27 -7.18
C THR A 64 16.41 20.47 -5.94
N LYS A 65 17.66 20.65 -5.51
CA LYS A 65 18.23 20.05 -4.26
C LYS A 65 17.32 20.36 -3.07
N GLY A 66 16.68 21.53 -3.09
CA GLY A 66 15.66 21.92 -2.10
C GLY A 66 14.49 20.93 -2.13
N LYS A 67 14.12 20.51 -3.33
CA LYS A 67 12.89 19.72 -3.54
C LYS A 67 13.23 18.28 -3.18
N ALA A 68 14.35 17.75 -3.66
CA ALA A 68 14.82 16.38 -3.36
C ALA A 68 15.12 16.25 -1.85
N LEU A 69 15.76 17.24 -1.21
CA LEU A 69 16.02 17.18 0.26
C LEU A 69 14.68 17.13 1.00
N ASP A 70 13.74 18.03 0.69
CA ASP A 70 12.40 18.08 1.37
C ASP A 70 11.64 16.75 1.16
N MET A 71 11.73 16.16 -0.03
CA MET A 71 11.17 14.82 -0.30
C MET A 71 11.78 13.78 0.65
N LEU A 72 13.09 13.51 0.52
CA LEU A 72 13.82 12.49 1.31
C LEU A 72 13.39 12.64 2.80
N GLU A 73 13.29 13.87 3.30
CA GLU A 73 13.01 14.12 4.74
C GLU A 73 11.60 13.69 5.12
N ALA A 74 10.70 13.47 4.15
CA ALA A 74 9.34 12.93 4.39
C ALA A 74 9.40 11.38 4.42
N SER A 75 10.54 10.77 4.03
CA SER A 75 10.70 9.28 3.87
C SER A 75 10.65 8.58 5.23
N PRO A 76 11.38 9.04 6.26
CA PRO A 76 11.19 8.51 7.61
C PRO A 76 9.75 8.60 8.14
N VAL A 77 8.94 9.53 7.61
CA VAL A 77 7.51 9.73 8.01
C VAL A 77 6.64 8.70 7.29
N LEU A 78 6.83 8.53 5.99
CA LEU A 78 5.99 7.66 5.13
C LEU A 78 6.53 6.23 5.10
N GLY A 79 7.74 6.03 5.62
CA GLY A 79 8.32 4.71 5.90
C GLY A 79 8.71 4.02 4.61
N PHE A 80 9.06 4.79 3.60
CA PHE A 80 9.60 4.30 2.30
C PHE A 80 11.10 4.57 2.27
N ASP A 81 11.90 3.59 1.84
CA ASP A 81 13.38 3.70 1.68
C ASP A 81 13.70 3.92 0.18
N ALA A 82 13.90 5.17 -0.24
CA ALA A 82 14.49 5.62 -1.52
C ALA A 82 15.61 6.64 -1.27
N ASN A 83 16.70 6.58 -2.03
CA ASN A 83 17.60 7.76 -2.22
C ASN A 83 16.82 8.71 -3.15
N ILE A 84 16.75 10.01 -2.81
CA ILE A 84 16.35 11.09 -3.75
C ILE A 84 17.37 12.23 -3.68
N ILE A 85 17.93 12.63 -4.84
CA ILE A 85 18.86 13.78 -4.99
C ILE A 85 18.32 14.75 -6.07
N GLY A 86 18.48 16.07 -5.80
CA GLY A 86 18.35 17.14 -6.79
C GLY A 86 19.70 17.48 -7.38
N THR A 87 19.80 17.84 -8.67
CA THR A 87 21.12 18.04 -9.36
C THR A 87 20.92 18.60 -10.77
N SER A 88 21.89 19.38 -11.29
CA SER A 88 21.94 19.75 -12.73
C SER A 88 23.10 19.03 -13.44
N ASP A 89 23.81 18.13 -12.76
CA ASP A 89 24.92 17.29 -13.30
C ASP A 89 24.37 15.90 -13.62
N TYR A 90 24.42 15.53 -14.90
CA TYR A 90 23.87 14.25 -15.41
C TYR A 90 24.75 13.09 -14.92
N ALA A 91 25.96 13.37 -14.44
CA ALA A 91 26.78 12.38 -13.70
C ALA A 91 25.85 11.62 -12.75
N ASP A 92 24.90 12.33 -12.12
CA ASP A 92 24.03 11.78 -11.04
C ASP A 92 22.98 10.82 -11.64
N THR A 93 22.84 10.76 -12.96
CA THR A 93 21.83 9.92 -13.66
C THR A 93 22.51 8.65 -14.16
N ALA A 94 23.80 8.50 -13.83
CA ALA A 94 24.68 7.35 -14.17
C ALA A 94 23.92 6.04 -13.96
N ASP A 95 23.62 5.35 -15.07
CA ASP A 95 23.07 3.97 -15.07
C ASP A 95 21.63 3.98 -14.55
N SER A 96 20.83 4.98 -14.95
CA SER A 96 19.37 5.01 -14.65
C SER A 96 18.68 3.94 -15.48
N ASP A 97 17.70 3.26 -14.86
CA ASP A 97 16.85 2.23 -15.51
C ASP A 97 15.83 2.94 -16.38
N ILE A 98 15.10 3.86 -15.76
CA ILE A 98 14.04 4.66 -16.43
C ILE A 98 14.48 6.14 -16.37
N VAL A 99 14.22 6.91 -17.45
CA VAL A 99 14.38 8.39 -17.48
C VAL A 99 13.05 9.00 -17.93
N VAL A 100 12.42 9.84 -17.08
CA VAL A 100 11.21 10.66 -17.41
C VAL A 100 11.59 12.09 -17.78
N ILE A 101 11.37 12.49 -19.05
CA ILE A 101 11.61 13.88 -19.56
C ILE A 101 10.34 14.70 -19.41
N THR A 102 10.26 15.59 -18.43
CA THR A 102 9.21 16.65 -18.34
C THR A 102 9.89 18.00 -18.57
N ALA A 103 11.15 18.00 -19.02
CA ALA A 103 11.97 19.21 -19.27
C ALA A 103 11.37 19.98 -20.44
N GLY A 104 10.89 21.20 -20.20
CA GLY A 104 10.04 21.88 -21.16
C GLY A 104 9.92 23.35 -20.87
N ILE A 105 9.69 24.13 -21.94
CA ILE A 105 9.06 25.46 -21.83
C ILE A 105 7.55 25.22 -21.92
N ALA A 106 6.79 26.06 -21.23
CA ALA A 106 5.34 26.26 -21.40
C ALA A 106 5.15 27.56 -22.18
N ARG A 107 4.02 27.67 -22.90
CA ARG A 107 3.68 28.80 -23.81
C ARG A 107 4.11 30.13 -23.18
N LYS A 108 4.89 30.91 -23.91
CA LYS A 108 5.33 32.28 -23.54
C LYS A 108 4.44 33.25 -24.32
N PRO A 109 3.67 34.12 -23.63
CA PRO A 109 2.84 35.11 -24.31
C PRO A 109 3.67 35.93 -25.30
N GLY A 110 3.41 35.74 -26.61
CA GLY A 110 4.20 36.31 -27.72
C GLY A 110 4.81 35.21 -28.58
N MET A 111 4.80 33.97 -28.08
CA MET A 111 5.38 32.80 -28.78
C MET A 111 4.36 32.29 -29.80
N SER A 112 4.84 31.94 -30.98
CA SER A 112 4.09 31.19 -32.01
C SER A 112 4.14 29.69 -31.66
N ARG A 113 3.33 28.88 -32.33
CA ARG A 113 3.33 27.41 -32.16
C ARG A 113 4.73 26.91 -32.53
N ASP A 114 5.28 27.45 -33.63
CA ASP A 114 6.54 26.97 -34.26
C ASP A 114 7.73 27.28 -33.33
N ASP A 115 7.62 28.27 -32.43
CA ASP A 115 8.74 28.77 -31.59
C ASP A 115 8.86 27.84 -30.36
N LEU A 116 7.75 27.63 -29.66
CA LEU A 116 7.57 26.59 -28.62
C LEU A 116 8.09 25.25 -29.16
N VAL A 117 7.36 24.70 -30.13
CA VAL A 117 7.70 23.46 -30.89
C VAL A 117 9.23 23.39 -31.03
N THR A 118 9.85 24.42 -31.61
CA THR A 118 11.30 24.47 -31.90
C THR A 118 12.11 24.67 -30.63
N THR A 119 11.73 25.63 -29.78
CA THR A 119 12.40 25.88 -28.48
C THR A 119 12.45 24.55 -27.73
N ASN A 120 11.35 23.80 -27.72
CA ASN A 120 11.26 22.56 -26.89
C ASN A 120 12.17 21.46 -27.47
N GLN A 121 12.31 21.37 -28.80
CA GLN A 121 13.03 20.29 -29.54
C GLN A 121 14.52 20.29 -29.17
N LYS A 122 15.13 21.49 -29.23
CA LYS A 122 16.52 21.81 -28.85
C LYS A 122 16.73 21.32 -27.41
N ILE A 123 15.79 21.58 -26.52
CA ILE A 123 15.85 21.09 -25.10
C ILE A 123 15.93 19.55 -25.13
N MET A 124 15.07 18.90 -25.91
CA MET A 124 15.08 17.42 -26.08
C MET A 124 16.47 16.94 -26.46
N LYS A 125 17.05 17.56 -27.48
CA LYS A 125 18.38 17.22 -28.02
C LYS A 125 19.46 17.38 -26.94
N GLN A 126 19.45 18.46 -26.15
CA GLN A 126 20.49 18.74 -25.11
C GLN A 126 20.29 17.76 -23.96
N VAL A 127 19.03 17.49 -23.62
CA VAL A 127 18.65 16.62 -22.48
C VAL A 127 18.93 15.17 -22.89
N THR A 128 18.37 14.69 -24.00
CA THR A 128 18.56 13.30 -24.55
C THR A 128 20.06 12.92 -24.62
N LYS A 129 20.87 13.66 -25.37
CA LYS A 129 22.35 13.47 -25.51
C LYS A 129 22.97 13.06 -24.18
N GLU A 130 22.73 13.87 -23.15
CA GLU A 130 23.24 13.68 -21.78
C GLU A 130 22.66 12.40 -21.18
N VAL A 131 21.38 12.07 -21.47
CA VAL A 131 20.66 10.88 -20.94
C VAL A 131 21.28 9.59 -21.50
N VAL A 132 21.47 9.46 -22.83
CA VAL A 132 22.14 8.26 -23.41
C VAL A 132 23.65 8.30 -23.13
N LYS A 133 24.27 9.48 -22.91
CA LYS A 133 25.71 9.48 -22.54
C LYS A 133 25.90 8.55 -21.33
N TYR A 134 25.21 8.82 -20.20
CA TYR A 134 25.41 8.15 -18.88
C TYR A 134 24.43 6.98 -18.64
N SER A 135 23.37 6.84 -19.46
CA SER A 135 22.34 5.77 -19.35
C SER A 135 21.92 5.33 -20.74
N PRO A 136 22.84 4.70 -21.51
CA PRO A 136 22.57 4.33 -22.90
C PRO A 136 21.68 3.08 -23.00
N ASN A 137 21.42 2.39 -21.88
CA ASN A 137 20.55 1.20 -21.82
C ASN A 137 19.35 1.49 -20.90
N CYS A 138 18.86 2.73 -20.88
CA CYS A 138 17.68 3.14 -20.08
C CYS A 138 16.45 3.10 -20.97
N TYR A 139 15.26 3.31 -20.36
CA TYR A 139 13.93 3.51 -21.00
C TYR A 139 13.43 4.94 -20.75
N ILE A 140 12.97 5.61 -21.81
CA ILE A 140 12.68 7.09 -21.77
C ILE A 140 11.18 7.30 -21.97
N ILE A 141 10.54 7.95 -20.99
CA ILE A 141 9.09 8.35 -21.02
C ILE A 141 9.04 9.88 -21.12
N VAL A 142 8.37 10.41 -22.14
CA VAL A 142 8.43 11.86 -22.52
C VAL A 142 7.06 12.47 -22.26
N LEU A 143 7.03 13.56 -21.48
CA LEU A 143 5.80 14.37 -21.24
C LEU A 143 5.81 15.65 -22.05
N THR A 144 6.97 16.32 -22.13
CA THR A 144 7.17 17.65 -22.80
C THR A 144 6.23 17.85 -23.97
N ASN A 145 5.53 18.99 -24.02
CA ASN A 145 4.61 19.37 -25.12
C ASN A 145 5.46 19.89 -26.29
N PRO A 146 4.96 19.82 -27.55
CA PRO A 146 3.92 18.87 -27.93
C PRO A 146 4.52 17.45 -27.85
N VAL A 147 3.97 16.57 -27.02
CA VAL A 147 4.57 15.24 -26.67
C VAL A 147 4.75 14.38 -27.93
N ASP A 148 3.73 14.34 -28.79
CA ASP A 148 3.78 13.65 -30.11
C ASP A 148 5.10 14.02 -30.80
N ALA A 149 5.45 15.31 -30.87
CA ALA A 149 6.58 15.76 -31.72
C ALA A 149 7.90 15.62 -30.94
N MET A 150 7.82 15.58 -29.60
CA MET A 150 9.00 15.73 -28.72
C MET A 150 9.56 14.36 -28.37
N THR A 151 8.70 13.34 -28.31
CA THR A 151 9.09 11.90 -28.15
C THR A 151 9.86 11.45 -29.40
N TYR A 152 9.33 11.79 -30.59
CA TYR A 152 10.05 11.68 -31.90
C TYR A 152 11.46 12.30 -31.81
N THR A 153 11.56 13.54 -31.35
CA THR A 153 12.89 14.21 -31.20
C THR A 153 13.86 13.30 -30.41
N VAL A 154 13.43 12.73 -29.28
CA VAL A 154 14.27 11.92 -28.33
C VAL A 154 14.57 10.55 -28.97
N PHE A 155 13.66 10.05 -29.79
CA PHE A 155 13.86 8.75 -30.49
C PHE A 155 14.98 8.84 -31.54
N LYS A 156 15.05 9.95 -32.28
CA LYS A 156 15.98 10.10 -33.44
C LYS A 156 17.31 10.72 -32.98
N GLU A 157 17.37 11.22 -31.75
CA GLU A 157 18.61 11.77 -31.11
C GLU A 157 19.13 10.77 -30.07
N SER A 158 18.25 9.99 -29.41
CA SER A 158 18.71 8.92 -28.47
C SER A 158 19.39 7.81 -29.25
N GLY A 159 18.98 7.60 -30.51
CA GLY A 159 19.44 6.47 -31.34
C GLY A 159 19.00 5.16 -30.73
N PHE A 160 17.84 5.17 -30.06
CA PHE A 160 17.34 3.98 -29.31
C PHE A 160 16.46 3.15 -30.23
N PRO A 161 16.15 1.89 -29.85
CA PRO A 161 15.10 1.15 -30.54
C PRO A 161 13.74 1.72 -30.10
N LYS A 162 12.73 1.65 -30.98
CA LYS A 162 11.39 2.29 -30.79
C LYS A 162 10.75 1.85 -29.46
N ASN A 163 11.14 0.69 -28.93
CA ASN A 163 10.52 0.08 -27.73
C ASN A 163 11.02 0.76 -26.45
N ARG A 164 12.24 1.33 -26.49
CA ARG A 164 12.95 1.97 -25.36
C ARG A 164 12.60 3.46 -25.25
N VAL A 165 11.84 4.05 -26.19
CA VAL A 165 11.39 5.48 -26.09
C VAL A 165 9.87 5.56 -26.22
N ILE A 166 9.19 6.16 -25.24
CA ILE A 166 7.69 6.25 -25.17
C ILE A 166 7.29 7.66 -24.77
N GLY A 167 6.13 8.11 -25.26
CA GLY A 167 5.40 9.33 -24.81
C GLY A 167 4.19 8.99 -23.95
N GLN A 168 3.95 9.76 -22.89
CA GLN A 168 2.71 9.73 -22.09
C GLN A 168 1.68 10.67 -22.73
N SER A 169 0.44 10.22 -22.87
CA SER A 169 -0.62 11.12 -23.39
C SER A 169 -2.00 10.60 -23.02
N GLY A 170 -2.33 9.33 -23.32
CA GLY A 170 -3.71 8.80 -23.27
C GLY A 170 -4.12 8.33 -21.90
N VAL A 171 -3.19 7.81 -21.10
CA VAL A 171 -3.38 7.62 -19.63
C VAL A 171 -3.99 8.94 -19.09
N LEU A 172 -3.28 10.06 -19.15
CA LEU A 172 -3.85 11.31 -18.57
C LEU A 172 -5.23 11.59 -19.18
N ASP A 173 -5.48 11.37 -20.49
CA ASP A 173 -6.82 11.63 -21.13
C ASP A 173 -7.87 10.63 -20.64
N THR A 174 -7.55 9.34 -20.52
CA THR A 174 -8.52 8.36 -19.95
C THR A 174 -8.69 8.62 -18.44
N ALA A 175 -7.64 8.98 -17.73
CA ALA A 175 -7.80 9.25 -16.28
C ALA A 175 -8.81 10.40 -16.11
N ARG A 176 -8.67 11.45 -16.92
CA ARG A 176 -9.61 12.59 -17.00
C ARG A 176 -11.05 12.08 -17.28
N PHE A 177 -11.19 11.33 -18.37
CA PHE A 177 -12.47 10.78 -18.89
C PHE A 177 -13.14 9.95 -17.81
N ARG A 178 -12.35 9.14 -17.11
CA ARG A 178 -12.83 8.16 -16.10
C ARG A 178 -13.38 8.94 -14.88
N THR A 179 -12.73 10.02 -14.50
CA THR A 179 -13.19 10.84 -13.33
C THR A 179 -14.59 11.42 -13.63
N PHE A 180 -14.74 12.02 -14.80
CA PHE A 180 -16.01 12.65 -15.26
C PHE A 180 -17.09 11.58 -15.35
N VAL A 181 -16.73 10.34 -15.73
CA VAL A 181 -17.68 9.19 -15.88
C VAL A 181 -17.97 8.60 -14.50
N ALA A 182 -16.95 8.50 -13.64
CA ALA A 182 -17.12 8.16 -12.23
C ALA A 182 -18.13 9.15 -11.63
N GLU A 183 -17.95 10.43 -11.91
CA GLU A 183 -18.72 11.56 -11.33
C GLU A 183 -20.14 11.55 -11.92
N GLU A 184 -20.31 11.19 -13.20
CA GLU A 184 -21.63 11.09 -13.87
C GLU A 184 -22.46 9.96 -13.24
N LEU A 185 -21.88 8.75 -13.11
CA LEU A 185 -22.58 7.51 -12.66
C LEU A 185 -22.43 7.29 -11.14
N ASN A 186 -21.64 8.11 -10.42
CA ASN A 186 -21.40 7.93 -8.95
C ASN A 186 -20.98 6.49 -8.62
N ILE A 187 -19.92 6.00 -9.26
CA ILE A 187 -19.31 4.65 -9.08
C ILE A 187 -17.81 4.86 -8.94
N SER A 188 -17.09 3.93 -8.28
CA SER A 188 -15.60 3.94 -8.14
C SER A 188 -14.96 4.18 -9.52
N VAL A 189 -14.02 5.12 -9.59
CA VAL A 189 -13.13 5.31 -10.78
C VAL A 189 -12.48 3.96 -11.13
N LYS A 190 -12.23 3.06 -10.16
CA LYS A 190 -11.52 1.77 -10.42
C LYS A 190 -12.26 0.88 -11.41
N ASP A 191 -13.59 1.02 -11.57
CA ASP A 191 -14.47 0.13 -12.39
C ASP A 191 -14.92 0.84 -13.67
N VAL A 192 -14.42 2.07 -13.90
CA VAL A 192 -14.59 2.86 -15.16
C VAL A 192 -13.31 2.66 -15.98
N THR A 193 -13.48 2.31 -17.25
CA THR A 193 -12.39 2.27 -18.26
C THR A 193 -12.78 3.21 -19.39
N GLY A 194 -11.93 3.22 -20.42
CA GLY A 194 -11.73 4.38 -21.30
C GLY A 194 -10.64 4.05 -22.31
N PHE A 195 -10.92 4.39 -23.55
CA PHE A 195 -10.08 4.12 -24.73
C PHE A 195 -9.93 5.43 -25.50
N VAL A 196 -8.69 5.84 -25.79
CA VAL A 196 -8.45 6.97 -26.71
C VAL A 196 -7.18 6.67 -27.49
N LEU A 197 -7.26 6.83 -28.82
CA LEU A 197 -6.12 6.89 -29.77
C LEU A 197 -5.85 8.37 -30.02
N GLY A 198 -4.82 8.71 -30.80
CA GLY A 198 -4.42 10.11 -31.07
C GLY A 198 -4.07 10.85 -29.79
N GLY A 199 -4.01 12.19 -29.84
CA GLY A 199 -3.41 13.06 -28.79
C GLY A 199 -4.43 13.77 -27.91
N HIS A 200 -4.10 14.96 -27.40
CA HIS A 200 -5.00 15.87 -26.63
C HIS A 200 -5.82 16.75 -27.58
N GLY A 201 -6.81 17.45 -27.02
CA GLY A 201 -7.59 18.47 -27.73
C GLY A 201 -8.43 17.86 -28.83
N ASP A 202 -8.28 18.38 -30.05
CA ASP A 202 -9.00 17.99 -31.30
C ASP A 202 -8.35 16.74 -31.92
N ASP A 203 -7.08 16.49 -31.61
CA ASP A 203 -6.28 15.27 -31.96
C ASP A 203 -6.87 14.03 -31.27
N MET A 204 -7.51 14.19 -30.11
CA MET A 204 -7.97 13.02 -29.29
C MET A 204 -9.07 12.25 -30.03
N VAL A 205 -8.93 10.91 -30.10
CA VAL A 205 -9.82 9.97 -30.86
C VAL A 205 -10.42 8.96 -29.87
N PRO A 206 -11.36 9.40 -29.00
CA PRO A 206 -12.08 8.48 -28.12
C PRO A 206 -12.89 7.37 -28.85
N LEU A 207 -12.88 6.14 -28.28
CA LEU A 207 -13.79 4.99 -28.60
C LEU A 207 -14.75 4.74 -27.43
N VAL A 208 -15.92 5.41 -27.43
CA VAL A 208 -16.99 5.20 -26.41
C VAL A 208 -17.34 3.73 -26.46
N ARG A 209 -17.25 3.14 -27.66
CA ARG A 209 -17.70 1.75 -27.85
C ARG A 209 -16.79 0.83 -27.03
N TYR A 210 -15.54 1.24 -26.76
CA TYR A 210 -14.57 0.47 -25.94
C TYR A 210 -14.40 1.09 -24.55
N SER A 211 -15.29 2.01 -24.12
CA SER A 211 -15.37 2.60 -22.76
C SER A 211 -16.58 2.03 -21.98
N TYR A 212 -16.46 1.79 -20.68
CA TYR A 212 -17.48 1.02 -19.89
C TYR A 212 -17.46 1.40 -18.41
N ALA A 213 -18.46 0.87 -17.69
CA ALA A 213 -18.63 0.93 -16.22
C ALA A 213 -18.84 -0.50 -15.69
N GLY A 214 -17.77 -1.15 -15.21
CA GLY A 214 -17.81 -2.55 -14.74
C GLY A 214 -18.28 -3.45 -15.87
N GLY A 215 -17.85 -3.10 -17.08
CA GLY A 215 -17.98 -3.89 -18.31
C GLY A 215 -19.28 -3.65 -19.04
N ILE A 216 -20.11 -2.70 -18.58
CA ILE A 216 -21.35 -2.27 -19.31
C ILE A 216 -20.92 -1.13 -20.21
N PRO A 217 -21.08 -1.22 -21.56
CA PRO A 217 -20.60 -0.15 -22.41
C PRO A 217 -21.37 1.08 -21.89
N LEU A 218 -20.68 2.20 -21.73
CA LEU A 218 -21.25 3.47 -21.21
C LEU A 218 -22.44 3.95 -22.05
N GLU A 219 -22.50 3.70 -23.37
CA GLU A 219 -23.59 4.22 -24.23
C GLU A 219 -24.95 3.75 -23.69
N LYS A 220 -25.00 2.63 -22.95
CA LYS A 220 -26.24 2.03 -22.38
C LYS A 220 -26.60 2.68 -21.02
N LEU A 221 -25.73 3.56 -20.52
CA LEU A 221 -25.79 4.05 -19.11
C LEU A 221 -25.97 5.56 -19.06
N ILE A 222 -25.45 6.28 -20.07
CA ILE A 222 -25.49 7.77 -20.08
C ILE A 222 -26.13 8.18 -21.39
N PRO A 223 -27.06 9.17 -21.37
CA PRO A 223 -27.59 9.76 -22.60
C PRO A 223 -26.52 10.43 -23.47
N LYS A 224 -26.86 10.72 -24.73
CA LYS A 224 -25.89 11.11 -25.77
C LYS A 224 -25.39 12.53 -25.49
N ASP A 225 -26.25 13.41 -24.98
CA ASP A 225 -25.88 14.83 -24.70
C ASP A 225 -24.71 14.81 -23.69
N ARG A 226 -24.88 14.13 -22.57
CA ARG A 226 -23.89 14.07 -21.45
C ARG A 226 -22.62 13.31 -21.89
N LEU A 227 -22.74 12.24 -22.69
CA LEU A 227 -21.62 11.33 -23.07
C LEU A 227 -20.67 12.10 -24.01
N ASP A 228 -21.24 12.71 -25.07
CA ASP A 228 -20.57 13.73 -25.92
C ASP A 228 -19.97 14.82 -25.02
N ALA A 229 -20.71 15.26 -23.99
CA ALA A 229 -20.27 16.28 -23.01
C ALA A 229 -19.02 15.80 -22.27
N ILE A 230 -18.94 14.52 -21.90
CA ILE A 230 -17.77 13.93 -21.19
C ILE A 230 -16.56 13.92 -22.15
N VAL A 231 -16.76 13.47 -23.40
CA VAL A 231 -15.73 13.49 -24.49
C VAL A 231 -15.21 14.93 -24.65
N GLU A 232 -16.13 15.86 -24.90
CA GLU A 232 -15.72 17.28 -25.02
C GLU A 232 -14.88 17.69 -23.80
N ARG A 233 -15.34 17.40 -22.58
CA ARG A 233 -14.63 17.79 -21.32
C ARG A 233 -13.23 17.15 -21.31
N THR A 234 -13.06 15.98 -21.92
CA THR A 234 -11.78 15.22 -21.98
C THR A 234 -10.86 15.76 -23.09
N ARG A 235 -11.40 16.45 -24.09
CA ARG A 235 -10.51 17.18 -25.05
C ARG A 235 -9.98 18.45 -24.37
N LYS A 236 -10.81 19.08 -23.54
CA LYS A 236 -10.57 20.47 -23.05
C LYS A 236 -9.91 20.37 -21.68
N GLY A 237 -9.56 19.12 -21.28
CA GLY A 237 -9.30 18.69 -19.91
C GLY A 237 -8.10 19.39 -19.33
N GLY A 238 -7.06 19.60 -20.17
CA GLY A 238 -5.80 20.25 -19.85
C GLY A 238 -6.02 21.75 -19.73
N GLY A 239 -6.93 22.26 -20.57
CA GLY A 239 -7.38 23.66 -20.60
C GLY A 239 -8.18 23.99 -19.37
N GLU A 240 -9.04 23.07 -18.95
CA GLU A 240 -9.86 23.23 -17.74
C GLU A 240 -8.94 23.59 -16.58
N ILE A 241 -7.85 22.83 -16.42
CA ILE A 241 -6.89 22.98 -15.30
C ILE A 241 -6.06 24.26 -15.53
N VAL A 242 -5.68 24.59 -16.76
CA VAL A 242 -4.93 25.86 -17.03
C VAL A 242 -5.78 27.07 -16.55
N ASN A 243 -7.04 27.15 -16.98
CA ASN A 243 -7.99 28.28 -16.74
C ASN A 243 -8.28 28.45 -15.23
N LEU A 244 -8.37 27.36 -14.45
CA LEU A 244 -8.69 27.44 -13.00
C LEU A 244 -7.45 27.97 -12.25
N LEU A 245 -6.25 27.46 -12.52
CA LEU A 245 -5.02 27.92 -11.79
C LEU A 245 -4.72 29.38 -12.14
N GLY A 246 -4.87 29.73 -13.42
CA GLY A 246 -4.37 31.00 -13.97
C GLY A 246 -3.01 30.78 -14.59
N ASN A 247 -1.97 30.74 -13.76
CA ASN A 247 -0.60 30.34 -14.17
C ASN A 247 -0.36 28.86 -13.89
N GLY A 248 0.37 28.21 -14.81
CA GLY A 248 0.77 26.80 -14.70
C GLY A 248 -0.25 25.90 -15.33
N SER A 249 -0.05 24.58 -15.20
CA SER A 249 -0.86 23.53 -15.87
C SER A 249 -1.02 22.34 -14.93
N ALA A 250 -1.60 21.25 -15.45
CA ALA A 250 -1.78 19.97 -14.72
C ALA A 250 -0.40 19.45 -14.28
N TYR A 251 -0.28 18.95 -13.04
CA TYR A 251 0.88 18.13 -12.56
C TYR A 251 0.48 16.79 -11.89
N TYR A 252 -0.51 16.78 -10.99
CA TYR A 252 -0.84 15.55 -10.21
C TYR A 252 -1.31 14.44 -11.15
N ALA A 253 -2.25 14.75 -12.04
CA ALA A 253 -2.81 13.75 -12.97
C ALA A 253 -1.69 13.33 -13.91
N PRO A 254 -0.95 14.30 -14.49
CA PRO A 254 0.17 13.98 -15.39
C PRO A 254 1.29 13.17 -14.73
N ALA A 255 1.50 13.38 -13.44
CA ALA A 255 2.61 12.75 -12.71
C ALA A 255 2.24 11.29 -12.43
N ALA A 256 1.02 11.05 -11.94
CA ALA A 256 0.41 9.73 -11.71
C ALA A 256 0.45 8.88 -12.98
N SER A 257 0.07 9.48 -14.10
CA SER A 257 0.09 8.92 -15.47
C SER A 257 1.48 8.39 -15.80
N LEU A 258 2.48 9.28 -15.77
CA LEU A 258 3.92 8.92 -15.91
C LEU A 258 4.24 7.75 -14.99
N VAL A 259 3.89 7.87 -13.71
CA VAL A 259 4.11 6.81 -12.67
C VAL A 259 3.42 5.52 -13.07
N GLU A 260 2.25 5.53 -13.71
CA GLU A 260 1.63 4.25 -14.14
C GLU A 260 2.55 3.60 -15.17
N MET A 261 3.02 4.36 -16.15
CA MET A 261 3.85 3.81 -17.26
C MET A 261 5.21 3.37 -16.69
N VAL A 262 5.81 4.19 -15.84
CA VAL A 262 7.08 3.85 -15.14
C VAL A 262 6.89 2.49 -14.43
N GLU A 263 5.81 2.32 -13.64
CA GLU A 263 5.47 1.12 -12.82
C GLU A 263 5.31 -0.11 -13.72
N ALA A 264 4.59 0.05 -14.83
CA ALA A 264 4.42 -0.98 -15.89
C ALA A 264 5.77 -1.58 -16.30
N ILE A 265 6.71 -0.71 -16.69
CA ILE A 265 8.04 -1.11 -17.26
C ILE A 265 8.90 -1.64 -16.11
N LEU A 266 9.05 -0.88 -15.02
CA LEU A 266 9.93 -1.28 -13.90
C LEU A 266 9.54 -2.65 -13.30
N LYS A 267 8.24 -2.99 -13.24
CA LYS A 267 7.76 -4.28 -12.66
C LYS A 267 7.38 -5.29 -13.76
N ASP A 268 7.71 -5.04 -15.03
CA ASP A 268 7.25 -5.89 -16.17
C ASP A 268 5.78 -6.27 -15.94
N GLN A 269 4.83 -5.33 -16.06
CA GLN A 269 3.41 -5.64 -15.73
C GLN A 269 2.60 -6.09 -16.95
N ARG A 270 3.11 -5.78 -18.15
CA ARG A 270 2.46 -6.03 -19.47
C ARG A 270 1.02 -5.50 -19.44
N ARG A 271 0.86 -4.27 -18.93
CA ARG A 271 -0.40 -3.50 -18.96
C ARG A 271 -0.77 -3.21 -20.42
N ILE A 272 -2.04 -2.91 -20.66
CA ILE A 272 -2.58 -2.43 -21.97
C ILE A 272 -2.98 -0.96 -21.77
N LEU A 273 -2.04 -0.05 -21.99
CA LEU A 273 -2.19 1.42 -21.84
C LEU A 273 -2.06 2.07 -23.21
N PRO A 274 -2.77 3.21 -23.44
CA PRO A 274 -2.46 4.06 -24.59
C PRO A 274 -1.15 4.79 -24.22
N ALA A 275 -0.15 4.64 -25.08
CA ALA A 275 1.10 5.40 -25.09
C ALA A 275 1.35 5.90 -26.51
N ILE A 276 2.10 6.99 -26.59
CA ILE A 276 2.73 7.58 -27.80
C ILE A 276 3.91 6.68 -28.18
N ALA A 277 3.71 5.86 -29.24
CA ALA A 277 4.67 4.89 -29.80
C ALA A 277 4.88 5.16 -31.31
N TYR A 278 6.02 4.68 -31.83
CA TYR A 278 6.51 4.86 -33.21
C TYR A 278 5.87 3.81 -34.14
N LEU A 279 4.91 4.26 -34.96
CA LEU A 279 4.23 3.38 -35.94
C LEU A 279 5.21 3.05 -37.08
N GLU A 280 5.23 1.78 -37.53
CA GLU A 280 5.87 1.29 -38.78
C GLU A 280 4.84 0.42 -39.50
N GLY A 281 3.73 1.04 -39.92
CA GLY A 281 2.66 0.43 -40.72
C GLY A 281 1.41 0.15 -39.90
N GLU A 282 1.49 0.27 -38.57
CA GLU A 282 0.35 0.06 -37.65
C GLU A 282 -0.74 1.09 -38.00
N TYR A 283 -1.91 0.61 -38.43
CA TYR A 283 -3.07 1.42 -38.90
C TYR A 283 -2.73 2.01 -40.28
N GLY A 284 -1.72 1.44 -40.93
CA GLY A 284 -1.14 1.91 -42.20
C GLY A 284 -0.65 3.35 -42.11
N TYR A 285 0.02 3.72 -41.01
CA TYR A 285 0.87 4.94 -40.86
C TYR A 285 2.26 4.45 -40.48
N GLU A 286 3.30 5.25 -40.80
CA GLU A 286 4.71 4.85 -40.65
C GLU A 286 5.55 6.11 -40.45
N GLY A 287 6.75 5.87 -39.88
CA GLY A 287 7.74 6.90 -39.52
C GLY A 287 7.19 7.98 -38.59
N ILE A 288 6.26 7.64 -37.69
CA ILE A 288 5.68 8.68 -36.78
C ILE A 288 5.47 8.07 -35.39
N TYR A 289 5.29 8.95 -34.38
CA TYR A 289 4.71 8.61 -33.05
C TYR A 289 3.23 9.03 -33.02
N LEU A 290 2.41 8.31 -32.26
CA LEU A 290 0.94 8.54 -32.13
C LEU A 290 0.36 7.68 -31.00
N GLY A 291 -0.70 8.17 -30.36
CA GLY A 291 -1.37 7.48 -29.24
C GLY A 291 -2.08 6.22 -29.70
N VAL A 292 -1.47 5.08 -29.50
CA VAL A 292 -2.11 3.79 -29.87
C VAL A 292 -2.15 2.89 -28.64
N PRO A 293 -3.07 1.89 -28.59
CA PRO A 293 -3.16 0.97 -27.45
C PRO A 293 -1.89 0.15 -27.53
N THR A 294 -1.35 -0.25 -26.39
CA THR A 294 -0.02 -0.89 -26.36
C THR A 294 0.10 -1.82 -25.18
N ILE A 295 0.93 -2.85 -25.32
CA ILE A 295 1.43 -3.61 -24.14
C ILE A 295 2.67 -2.86 -23.65
N LEU A 296 2.61 -2.41 -22.39
CA LEU A 296 3.72 -1.75 -21.66
C LEU A 296 4.27 -2.73 -20.62
N GLY A 297 5.54 -3.11 -20.76
CA GLY A 297 6.20 -4.01 -19.81
C GLY A 297 7.68 -3.80 -19.87
N GLY A 298 8.45 -4.86 -19.60
CA GLY A 298 9.88 -4.78 -19.25
C GLY A 298 10.72 -4.45 -20.46
N ASN A 299 10.19 -4.68 -21.67
CA ASN A 299 10.82 -4.31 -22.96
C ASN A 299 10.25 -2.99 -23.44
N GLY A 300 9.84 -2.10 -22.52
CA GLY A 300 9.12 -0.85 -22.84
C GLY A 300 7.79 -1.10 -23.51
N ILE A 301 7.61 -0.62 -24.75
CA ILE A 301 6.45 -0.91 -25.65
C ILE A 301 6.66 -2.30 -26.23
N GLU A 302 5.84 -3.29 -25.83
CA GLU A 302 6.01 -4.73 -26.19
C GLU A 302 5.38 -5.02 -27.55
N LYS A 303 4.12 -4.58 -27.72
CA LYS A 303 3.32 -4.65 -28.96
C LYS A 303 2.55 -3.33 -29.09
N VAL A 304 2.38 -2.82 -30.31
CA VAL A 304 1.31 -1.85 -30.63
C VAL A 304 0.09 -2.68 -31.00
N ILE A 305 -1.04 -2.49 -30.33
CA ILE A 305 -2.31 -3.19 -30.64
C ILE A 305 -3.00 -2.45 -31.79
N GLU A 306 -3.21 -3.16 -32.89
CA GLU A 306 -3.76 -2.65 -34.16
C GLU A 306 -5.25 -3.00 -34.21
N LEU A 307 -6.13 -2.10 -33.73
CA LEU A 307 -7.59 -2.39 -33.70
C LEU A 307 -8.15 -2.28 -35.13
N GLU A 308 -9.22 -3.03 -35.42
CA GLU A 308 -10.10 -2.86 -36.61
C GLU A 308 -11.14 -1.80 -36.24
N LEU A 309 -10.93 -0.56 -36.73
CA LEU A 309 -11.77 0.63 -36.44
C LEU A 309 -12.91 0.69 -37.48
N THR A 310 -13.99 1.43 -37.18
CA THR A 310 -15.00 1.83 -38.19
C THR A 310 -14.39 2.91 -39.09
N GLU A 311 -14.86 3.01 -40.32
CA GLU A 311 -14.38 4.03 -41.29
C GLU A 311 -14.37 5.41 -40.62
N GLU A 312 -15.40 5.74 -39.81
CA GLU A 312 -15.45 6.99 -38.98
C GLU A 312 -14.11 7.15 -38.26
N GLU A 313 -13.83 6.22 -37.34
CA GLU A 313 -12.61 6.16 -36.48
C GLU A 313 -11.34 6.23 -37.33
N LYS A 314 -11.26 5.35 -38.32
CA LYS A 314 -10.15 5.28 -39.30
C LYS A 314 -9.84 6.68 -39.87
N ALA A 315 -10.85 7.58 -39.96
CA ALA A 315 -10.81 8.88 -40.66
C ALA A 315 -10.61 10.04 -39.67
N ALA A 316 -11.28 10.02 -38.52
CA ALA A 316 -10.97 10.94 -37.39
C ALA A 316 -9.53 10.71 -36.91
N LEU A 317 -9.04 9.46 -36.95
CA LEU A 317 -7.63 9.16 -36.64
C LEU A 317 -6.79 9.84 -37.71
N ALA A 318 -7.19 9.79 -39.00
CA ALA A 318 -6.52 10.50 -40.12
C ALA A 318 -6.36 11.99 -39.83
N LYS A 319 -7.46 12.69 -39.51
CA LYS A 319 -7.42 14.11 -39.07
C LYS A 319 -6.37 14.23 -37.96
N SER A 320 -6.47 13.36 -36.95
CA SER A 320 -5.54 13.33 -35.78
C SER A 320 -4.08 13.17 -36.24
N VAL A 321 -3.82 12.41 -37.31
CA VAL A 321 -2.43 12.12 -37.78
C VAL A 321 -1.92 13.28 -38.65
N GLU A 322 -2.81 14.04 -39.31
CA GLU A 322 -2.44 15.22 -40.14
C GLU A 322 -1.98 16.32 -39.17
N SER A 323 -2.61 16.36 -38.00
CA SER A 323 -2.23 17.21 -36.84
C SER A 323 -0.78 16.92 -36.43
N VAL A 324 -0.41 15.65 -36.25
CA VAL A 324 0.93 15.18 -35.79
C VAL A 324 1.96 15.53 -36.88
N LYS A 325 1.58 15.35 -38.14
CA LYS A 325 2.35 15.78 -39.35
C LYS A 325 2.55 17.29 -39.31
N ASN A 326 1.47 18.04 -39.10
CA ASN A 326 1.54 19.51 -39.00
C ASN A 326 2.78 19.84 -38.16
N VAL A 327 2.77 19.39 -36.90
CA VAL A 327 3.83 19.76 -35.93
C VAL A 327 5.14 19.22 -36.48
N MET A 328 5.17 17.94 -36.88
CA MET A 328 6.40 17.30 -37.41
C MET A 328 7.05 18.18 -38.50
N ARG A 329 6.28 18.91 -39.35
CA ARG A 329 6.83 19.85 -40.37
C ARG A 329 7.47 21.06 -39.67
N MET A 330 7.14 21.29 -38.39
CA MET A 330 7.67 22.42 -37.58
C MET A 330 9.03 22.09 -36.95
N LEU A 331 9.43 20.81 -36.85
CA LEU A 331 10.76 20.48 -36.27
C LEU A 331 11.87 21.02 -37.20
N GLU A 332 12.84 21.72 -36.62
CA GLU A 332 14.15 22.04 -37.26
C GLU A 332 15.10 20.87 -36.94
N ALA B 22 -25.61 2.74 7.74
CA ALA B 22 -24.91 3.36 6.55
C ALA B 22 -23.44 3.67 6.88
N MET B 23 -22.51 3.19 6.04
CA MET B 23 -21.06 3.53 6.20
C MET B 23 -20.78 4.82 5.40
N LYS B 24 -20.23 5.84 6.04
CA LYS B 24 -19.64 7.04 5.35
C LYS B 24 -18.14 7.01 5.57
N ARG B 25 -17.35 7.26 4.52
CA ARG B 25 -15.87 7.47 4.62
C ARG B 25 -15.65 8.73 5.45
N LYS B 26 -14.47 8.84 6.05
CA LYS B 26 -14.05 9.98 6.89
C LYS B 26 -14.08 11.23 6.04
N LYS B 27 -14.27 12.41 6.63
CA LYS B 27 -14.21 13.71 5.91
C LYS B 27 -13.15 14.59 6.57
N ILE B 28 -12.09 14.89 5.81
CA ILE B 28 -10.92 15.73 6.23
C ILE B 28 -11.01 17.05 5.46
N SER B 29 -10.98 18.19 6.13
CA SER B 29 -10.93 19.53 5.50
C SER B 29 -9.52 20.10 5.73
N VAL B 30 -8.79 20.43 4.65
CA VAL B 30 -7.41 21.00 4.67
C VAL B 30 -7.49 22.50 4.28
N ILE B 31 -7.37 23.39 5.27
CA ILE B 31 -7.53 24.86 5.06
C ILE B 31 -6.19 25.42 4.60
N GLY B 32 -6.19 26.22 3.53
CA GLY B 32 -4.97 26.72 2.85
C GLY B 32 -4.55 25.75 1.76
N ALA B 33 -4.55 26.19 0.50
CA ALA B 33 -4.37 25.35 -0.70
C ALA B 33 -3.02 25.63 -1.35
N GLY B 34 -2.13 26.35 -0.64
CA GLY B 34 -0.71 26.51 -0.96
C GLY B 34 0.02 25.20 -1.12
N PHE B 35 1.35 25.23 -0.92
CA PHE B 35 2.31 24.13 -1.21
C PHE B 35 2.18 22.98 -0.21
N THR B 36 2.00 23.21 1.09
CA THR B 36 1.90 22.13 2.11
C THR B 36 0.47 21.57 2.14
N GLY B 37 -0.52 22.46 2.22
CA GLY B 37 -1.95 22.16 2.21
C GLY B 37 -2.34 21.26 1.05
N ALA B 38 -1.78 21.45 -0.14
CA ALA B 38 -2.10 20.65 -1.34
C ALA B 38 -1.46 19.26 -1.26
N THR B 39 -0.15 19.21 -1.04
CA THR B 39 0.72 18.01 -0.90
C THR B 39 0.19 17.12 0.21
N THR B 40 -0.22 17.74 1.33
CA THR B 40 -1.05 17.14 2.41
C THR B 40 -2.35 16.58 1.80
N ALA B 41 -3.18 17.43 1.17
CA ALA B 41 -4.52 17.01 0.70
C ALA B 41 -4.36 15.76 -0.16
N PHE B 42 -3.29 15.74 -0.95
CA PHE B 42 -3.00 14.73 -1.97
C PHE B 42 -2.63 13.42 -1.28
N LEU B 43 -1.69 13.42 -0.32
CA LEU B 43 -1.37 12.20 0.48
C LEU B 43 -2.67 11.66 1.11
N LEU B 44 -3.45 12.55 1.72
CA LEU B 44 -4.69 12.15 2.42
C LEU B 44 -5.59 11.32 1.48
N ALA B 45 -5.71 11.74 0.24
CA ALA B 45 -6.56 11.16 -0.82
C ALA B 45 -6.03 9.77 -1.16
N GLN B 46 -4.80 9.69 -1.65
CA GLN B 46 -4.19 8.46 -2.21
C GLN B 46 -4.17 7.31 -1.19
N LYS B 47 -4.15 7.61 0.10
CA LYS B 47 -4.02 6.60 1.18
C LYS B 47 -5.43 6.08 1.47
N GLU B 48 -6.44 6.83 1.02
CA GLU B 48 -7.90 6.63 1.20
C GLU B 48 -8.25 6.81 2.69
N LEU B 49 -7.67 7.80 3.35
CA LEU B 49 -7.96 8.15 4.77
C LEU B 49 -9.32 8.87 4.81
N GLY B 50 -9.80 9.37 3.66
CA GLY B 50 -11.17 9.87 3.45
C GLY B 50 -11.29 10.87 2.29
N ASP B 51 -12.47 11.50 2.11
CA ASP B 51 -12.72 12.62 1.17
C ASP B 51 -12.05 13.89 1.73
N VAL B 52 -11.44 14.67 0.86
CA VAL B 52 -10.69 15.89 1.25
C VAL B 52 -11.38 17.11 0.63
N VAL B 53 -11.74 18.08 1.47
CA VAL B 53 -12.22 19.42 1.07
C VAL B 53 -11.12 20.43 1.33
N LEU B 54 -10.62 21.07 0.27
CA LEU B 54 -9.40 21.89 0.30
C LEU B 54 -9.80 23.35 0.12
N VAL B 55 -9.56 24.14 1.18
CA VAL B 55 -10.21 25.47 1.35
C VAL B 55 -9.10 26.50 1.21
N ASP B 56 -9.40 27.62 0.56
CA ASP B 56 -8.53 28.82 0.55
C ASP B 56 -9.48 29.99 0.41
N ILE B 57 -8.96 31.25 0.48
CA ILE B 57 -9.78 32.49 0.30
C ILE B 57 -10.40 32.53 -1.07
N PRO B 58 -11.48 33.33 -1.25
CA PRO B 58 -12.19 33.37 -2.52
C PRO B 58 -11.35 33.82 -3.73
N GLN B 59 -10.30 34.60 -3.49
CA GLN B 59 -9.45 35.14 -4.57
C GLN B 59 -8.70 33.94 -5.20
N LEU B 60 -8.58 32.82 -4.48
CA LEU B 60 -7.74 31.65 -4.87
C LEU B 60 -8.61 30.40 -5.04
N GLU B 61 -9.93 30.56 -5.11
CA GLU B 61 -10.95 29.47 -5.18
C GLU B 61 -10.74 28.67 -6.48
N ASN B 62 -10.67 29.37 -7.61
CA ASN B 62 -10.39 28.79 -8.97
C ASN B 62 -9.13 27.94 -8.88
N PRO B 63 -7.92 28.48 -8.57
CA PRO B 63 -6.76 27.62 -8.36
C PRO B 63 -7.03 26.38 -7.50
N THR B 64 -7.63 26.57 -6.32
CA THR B 64 -7.94 25.52 -5.32
C THR B 64 -8.86 24.43 -5.88
N LYS B 65 -9.79 24.79 -6.76
CA LYS B 65 -10.61 23.80 -7.53
C LYS B 65 -9.73 23.21 -8.65
N GLY B 66 -8.86 24.03 -9.26
CA GLY B 66 -7.86 23.52 -10.22
C GLY B 66 -6.96 22.46 -9.59
N LYS B 67 -6.58 22.64 -8.31
CA LYS B 67 -5.64 21.75 -7.56
C LYS B 67 -6.42 20.55 -6.99
N ALA B 68 -7.68 20.73 -6.57
CA ALA B 68 -8.62 19.61 -6.23
C ALA B 68 -8.77 18.68 -7.43
N LEU B 69 -9.23 19.23 -8.55
CA LEU B 69 -9.56 18.44 -9.75
C LEU B 69 -8.32 17.74 -10.34
N ASP B 70 -7.16 18.39 -10.38
CA ASP B 70 -5.94 17.76 -10.97
C ASP B 70 -5.64 16.52 -10.10
N MET B 71 -5.56 16.70 -8.77
CA MET B 71 -5.54 15.59 -7.78
C MET B 71 -6.60 14.51 -8.06
N LEU B 72 -7.87 14.87 -8.19
CA LEU B 72 -9.00 13.93 -8.35
C LEU B 72 -8.90 13.20 -9.72
N GLU B 73 -8.43 13.86 -10.78
CA GLU B 73 -8.15 13.21 -12.10
C GLU B 73 -6.99 12.18 -12.01
N ALA B 74 -6.17 12.21 -10.96
CA ALA B 74 -5.13 11.16 -10.75
C ALA B 74 -5.70 10.00 -9.92
N SER B 75 -7.00 10.01 -9.59
CA SER B 75 -7.68 8.95 -8.78
C SER B 75 -7.90 7.67 -9.59
N PRO B 76 -8.13 7.70 -10.91
CA PRO B 76 -8.15 6.47 -11.68
C PRO B 76 -6.77 5.80 -11.69
N VAL B 77 -5.71 6.62 -11.77
CA VAL B 77 -4.35 6.17 -12.18
C VAL B 77 -3.65 5.55 -10.98
N LEU B 78 -3.71 6.18 -9.81
CA LEU B 78 -3.15 5.62 -8.55
C LEU B 78 -4.08 4.56 -7.96
N GLY B 79 -5.31 4.42 -8.48
CA GLY B 79 -6.27 3.39 -8.01
C GLY B 79 -6.68 3.66 -6.58
N PHE B 80 -7.08 4.91 -6.30
CA PHE B 80 -7.58 5.30 -4.96
C PHE B 80 -8.96 5.95 -5.15
N ASP B 81 -9.88 5.55 -4.26
CA ASP B 81 -11.25 6.08 -4.11
C ASP B 81 -11.24 7.13 -3.00
N ALA B 82 -11.13 8.41 -3.37
CA ALA B 82 -11.36 9.54 -2.45
C ALA B 82 -11.94 10.69 -3.26
N ASN B 83 -12.81 11.47 -2.63
CA ASN B 83 -13.33 12.70 -3.26
C ASN B 83 -12.35 13.80 -2.84
N ILE B 84 -12.03 14.68 -3.78
CA ILE B 84 -11.17 15.88 -3.60
C ILE B 84 -11.85 17.05 -4.34
N ILE B 85 -12.36 18.05 -3.60
CA ILE B 85 -13.03 19.28 -4.13
C ILE B 85 -12.26 20.51 -3.62
N GLY B 86 -12.16 21.57 -4.41
CA GLY B 86 -11.69 22.90 -3.97
C GLY B 86 -12.86 23.82 -3.71
N THR B 87 -12.71 24.77 -2.77
CA THR B 87 -13.79 25.71 -2.38
C THR B 87 -13.26 26.92 -1.60
N SER B 88 -14.05 28.01 -1.62
CA SER B 88 -13.87 29.24 -0.80
C SER B 88 -14.93 29.30 0.29
N ASP B 89 -15.71 28.24 0.43
CA ASP B 89 -16.99 28.24 1.20
C ASP B 89 -16.86 27.14 2.23
N TYR B 90 -17.12 27.46 3.51
CA TYR B 90 -16.84 26.54 4.65
C TYR B 90 -17.97 25.50 4.78
N ALA B 91 -19.13 25.76 4.16
CA ALA B 91 -20.29 24.82 4.13
C ALA B 91 -19.87 23.48 3.52
N ASP B 92 -18.84 23.49 2.69
CA ASP B 92 -18.29 22.27 2.06
C ASP B 92 -17.51 21.49 3.11
N THR B 93 -17.00 22.17 4.15
CA THR B 93 -16.25 21.55 5.27
C THR B 93 -17.21 20.84 6.24
N ALA B 94 -18.53 21.00 6.09
CA ALA B 94 -19.54 20.47 7.06
C ALA B 94 -19.24 19.03 7.48
N ASP B 95 -19.27 18.78 8.81
CA ASP B 95 -19.10 17.47 9.49
C ASP B 95 -17.76 16.81 9.24
N SER B 96 -16.63 17.53 9.34
CA SER B 96 -15.30 16.91 9.12
C SER B 96 -14.90 16.20 10.39
N ASP B 97 -14.18 15.08 10.26
CA ASP B 97 -13.63 14.32 11.43
C ASP B 97 -12.35 15.03 11.89
N ILE B 98 -11.53 15.44 10.93
CA ILE B 98 -10.25 16.17 11.13
C ILE B 98 -10.33 17.47 10.34
N VAL B 99 -9.82 18.55 10.94
CA VAL B 99 -9.45 19.78 10.17
C VAL B 99 -7.97 20.06 10.38
N VAL B 100 -7.24 20.24 9.27
CA VAL B 100 -5.81 20.65 9.27
C VAL B 100 -5.73 22.07 8.76
N ILE B 101 -5.17 22.97 9.56
CA ILE B 101 -5.00 24.41 9.23
C ILE B 101 -3.55 24.66 8.85
N THR B 102 -3.29 24.95 7.58
CA THR B 102 -1.97 25.42 7.09
C THR B 102 -2.05 26.87 6.63
N ALA B 103 -3.22 27.51 6.70
CA ALA B 103 -3.48 28.90 6.23
C ALA B 103 -2.58 29.90 6.96
N GLY B 104 -1.95 30.81 6.21
CA GLY B 104 -0.99 31.80 6.72
C GLY B 104 -0.40 32.64 5.59
N ILE B 105 0.10 33.85 5.92
CA ILE B 105 0.81 34.75 4.95
C ILE B 105 2.18 34.14 4.67
N GLY B 110 11.45 39.60 5.26
CA GLY B 110 11.92 40.93 5.69
C GLY B 110 10.79 41.75 6.32
N MET B 111 10.11 41.17 7.31
CA MET B 111 9.04 41.83 8.13
C MET B 111 9.19 41.35 9.58
N SER B 112 8.79 42.16 10.56
CA SER B 112 9.06 41.90 12.01
C SER B 112 8.36 40.62 12.47
N ARG B 113 8.84 40.01 13.57
CA ARG B 113 8.20 38.86 14.28
C ARG B 113 6.78 39.27 14.71
N ASP B 114 6.64 40.45 15.35
CA ASP B 114 5.35 40.98 15.89
C ASP B 114 4.25 40.92 14.83
N ASP B 115 4.52 41.47 13.64
CA ASP B 115 3.55 41.59 12.53
C ASP B 115 3.30 40.23 11.84
N LEU B 116 4.22 39.27 11.96
CA LEU B 116 3.99 37.90 11.42
C LEU B 116 2.99 37.20 12.35
N VAL B 117 3.22 37.31 13.67
CA VAL B 117 2.42 36.59 14.70
C VAL B 117 1.03 37.21 14.76
N THR B 118 0.93 38.54 14.63
CA THR B 118 -0.37 39.28 14.71
C THR B 118 -1.19 38.95 13.46
N THR B 119 -0.57 39.02 12.28
CA THR B 119 -1.18 38.76 10.95
C THR B 119 -1.76 37.34 10.85
N ASN B 120 -0.92 36.33 11.09
CA ASN B 120 -1.32 34.89 11.15
C ASN B 120 -2.32 34.63 12.28
N GLN B 121 -2.33 35.45 13.37
CA GLN B 121 -3.20 35.20 14.56
C GLN B 121 -4.66 35.43 14.18
N LYS B 122 -4.96 36.57 13.54
CA LYS B 122 -6.33 36.96 13.09
C LYS B 122 -6.85 35.92 12.10
N ILE B 123 -5.96 35.50 11.19
CA ILE B 123 -6.19 34.40 10.22
C ILE B 123 -6.58 33.12 10.99
N MET B 124 -5.89 32.83 12.10
CA MET B 124 -6.22 31.68 12.99
C MET B 124 -7.62 31.90 13.57
N LYS B 125 -7.91 33.09 14.11
CA LYS B 125 -9.23 33.38 14.73
C LYS B 125 -10.35 33.18 13.70
N GLN B 126 -10.17 33.71 12.48
CA GLN B 126 -11.13 33.82 11.34
C GLN B 126 -11.35 32.44 10.73
N VAL B 127 -10.29 31.65 10.57
CA VAL B 127 -10.40 30.25 10.05
C VAL B 127 -11.17 29.40 11.06
N THR B 128 -10.89 29.57 12.35
CA THR B 128 -11.39 28.74 13.49
C THR B 128 -12.90 28.89 13.65
N LYS B 129 -13.40 30.13 13.79
CA LYS B 129 -14.83 30.45 13.97
C LYS B 129 -15.68 29.72 12.92
N GLU B 130 -15.24 29.67 11.66
CA GLU B 130 -15.96 29.00 10.54
C GLU B 130 -15.85 27.46 10.67
N VAL B 131 -14.65 26.96 10.96
CA VAL B 131 -14.29 25.52 11.07
C VAL B 131 -15.17 24.84 12.13
N VAL B 132 -15.16 25.34 13.36
CA VAL B 132 -15.82 24.68 14.52
C VAL B 132 -17.35 24.79 14.36
N LYS B 133 -17.79 25.85 13.70
CA LYS B 133 -19.20 26.19 13.33
C LYS B 133 -19.77 25.13 12.39
N TYR B 134 -19.07 24.81 11.28
CA TYR B 134 -19.53 23.80 10.29
C TYR B 134 -19.05 22.39 10.72
N SER B 135 -18.07 22.27 11.63
CA SER B 135 -17.48 20.97 12.10
C SER B 135 -17.37 20.92 13.62
N PRO B 136 -18.49 20.66 14.36
CA PRO B 136 -18.51 20.80 15.82
C PRO B 136 -17.70 19.75 16.61
N ASN B 137 -17.58 18.51 16.13
CA ASN B 137 -16.89 17.42 16.88
C ASN B 137 -15.57 17.03 16.20
N CYS B 138 -15.00 17.92 15.38
CA CYS B 138 -13.76 17.67 14.58
C CYS B 138 -12.52 17.77 15.47
N TYR B 139 -11.42 17.16 15.02
CA TYR B 139 -10.07 17.33 15.59
C TYR B 139 -9.37 18.29 14.63
N ILE B 140 -8.66 19.26 15.20
CA ILE B 140 -7.94 20.32 14.44
C ILE B 140 -6.44 20.06 14.56
N ILE B 141 -5.72 20.03 13.44
CA ILE B 141 -4.24 19.96 13.45
C ILE B 141 -3.74 21.20 12.72
N VAL B 142 -2.98 22.04 13.48
CA VAL B 142 -2.40 23.34 13.03
C VAL B 142 -0.92 23.13 12.63
N LEU B 143 -0.52 23.78 11.53
CA LEU B 143 0.86 23.80 11.00
C LEU B 143 1.44 25.22 11.06
N THR B 144 0.59 26.20 10.79
CA THR B 144 0.84 27.67 10.81
C THR B 144 2.00 28.07 11.70
N ASN B 145 2.84 29.00 11.21
CA ASN B 145 4.02 29.47 11.95
C ASN B 145 3.68 30.84 12.54
N PRO B 146 4.04 31.08 13.82
CA PRO B 146 4.73 30.07 14.65
C PRO B 146 3.73 29.09 15.26
N VAL B 147 3.89 27.78 15.02
CA VAL B 147 2.86 26.74 15.36
C VAL B 147 2.69 26.64 16.89
N ASP B 148 3.60 27.21 17.69
CA ASP B 148 3.51 27.14 19.16
C ASP B 148 2.33 28.00 19.59
N ALA B 149 2.33 29.27 19.17
CA ALA B 149 1.37 30.36 19.51
C ALA B 149 0.10 30.30 18.68
N MET B 150 0.12 29.74 17.47
CA MET B 150 -1.06 29.71 16.58
C MET B 150 -1.99 28.59 17.02
N THR B 151 -1.45 27.43 17.39
CA THR B 151 -2.24 26.30 17.94
C THR B 151 -2.89 26.83 19.22
N TYR B 152 -2.13 27.48 20.11
CA TYR B 152 -2.71 28.25 21.25
C TYR B 152 -3.94 29.02 20.76
N THR B 153 -3.75 29.88 19.76
CA THR B 153 -4.81 30.76 19.20
C THR B 153 -6.01 29.91 18.81
N VAL B 154 -5.77 28.83 18.07
CA VAL B 154 -6.83 27.90 17.65
C VAL B 154 -7.43 27.24 18.90
N PHE B 155 -6.66 26.61 19.78
CA PHE B 155 -7.15 26.07 21.07
C PHE B 155 -8.12 27.10 21.68
N LYS B 156 -7.62 28.27 22.10
CA LYS B 156 -8.43 29.41 22.62
C LYS B 156 -9.69 29.60 21.77
N GLU B 157 -9.52 30.03 20.52
CA GLU B 157 -10.60 30.51 19.62
C GLU B 157 -11.69 29.45 19.45
N SER B 158 -11.27 28.18 19.27
CA SER B 158 -12.14 27.00 19.02
C SER B 158 -13.10 26.78 20.19
N GLY B 159 -12.59 27.01 21.41
CA GLY B 159 -13.24 26.63 22.68
C GLY B 159 -13.03 25.16 23.03
N PHE B 160 -12.69 24.31 22.06
CA PHE B 160 -12.62 22.83 22.16
C PHE B 160 -11.78 22.38 23.35
N PRO B 161 -12.06 21.20 23.95
CA PRO B 161 -11.25 20.69 25.06
C PRO B 161 -9.84 20.28 24.58
N LYS B 162 -8.81 20.42 25.43
CA LYS B 162 -7.38 20.48 24.99
C LYS B 162 -7.03 19.34 24.01
N ASN B 163 -7.80 18.25 24.01
CA ASN B 163 -7.45 16.99 23.30
C ASN B 163 -7.70 17.16 21.79
N ARG B 164 -8.51 18.14 21.38
CA ARG B 164 -9.02 18.24 19.98
C ARG B 164 -8.27 19.29 19.19
N VAL B 165 -7.20 19.86 19.75
CA VAL B 165 -6.38 20.89 19.06
C VAL B 165 -4.90 20.54 19.27
N ILE B 166 -4.21 20.19 18.17
CA ILE B 166 -2.78 19.78 18.15
C ILE B 166 -2.06 20.63 17.11
N GLY B 167 -0.77 20.89 17.34
CA GLY B 167 0.19 21.47 16.38
C GLY B 167 1.22 20.45 15.95
N GLN B 168 1.67 20.54 14.67
CA GLN B 168 2.78 19.74 14.06
C GLN B 168 4.06 20.58 14.22
N SER B 169 5.17 19.96 14.61
CA SER B 169 6.54 20.53 14.55
C SER B 169 7.52 19.48 15.07
N GLY B 170 7.12 18.72 16.10
CA GLY B 170 7.92 17.59 16.65
C GLY B 170 8.24 16.51 15.62
N VAL B 171 7.27 16.12 14.79
CA VAL B 171 7.36 14.94 13.86
C VAL B 171 8.27 15.32 12.68
N LEU B 172 8.18 16.55 12.23
CA LEU B 172 9.03 17.09 11.15
C LEU B 172 10.48 17.23 11.59
N ASP B 173 10.72 17.73 12.80
CA ASP B 173 12.09 17.82 13.38
C ASP B 173 12.66 16.42 13.53
N THR B 174 11.91 15.48 14.12
CA THR B 174 12.40 14.09 14.33
C THR B 174 12.75 13.51 12.96
N ALA B 175 11.97 13.87 11.93
CA ALA B 175 12.04 13.25 10.58
C ALA B 175 13.31 13.74 9.88
N ARG B 176 13.61 15.03 10.04
CA ARG B 176 14.85 15.67 9.57
C ARG B 176 16.08 14.96 10.17
N PHE B 177 16.07 14.73 11.50
CA PHE B 177 17.17 14.15 12.31
C PHE B 177 17.39 12.68 11.93
N ARG B 178 16.32 11.97 11.56
CA ARG B 178 16.33 10.54 11.14
C ARG B 178 17.06 10.38 9.83
N THR B 179 16.56 11.02 8.79
CA THR B 179 17.21 11.28 7.48
C THR B 179 18.71 11.57 7.64
N PHE B 180 19.11 12.54 8.49
CA PHE B 180 20.54 12.88 8.73
C PHE B 180 21.23 11.67 9.35
N VAL B 181 20.54 11.03 10.30
CA VAL B 181 21.15 9.93 11.10
C VAL B 181 21.25 8.70 10.18
N ALA B 182 20.27 8.48 9.29
CA ALA B 182 20.24 7.44 8.23
C ALA B 182 21.45 7.59 7.31
N GLU B 183 21.60 8.77 6.67
CA GLU B 183 22.65 9.05 5.64
C GLU B 183 24.04 9.21 6.30
N GLU B 184 24.14 8.92 7.60
CA GLU B 184 25.38 9.02 8.42
C GLU B 184 25.82 7.60 8.77
N LEU B 185 24.89 6.74 9.20
CA LEU B 185 25.11 5.32 9.55
C LEU B 185 25.00 4.43 8.32
N ASN B 186 24.37 4.93 7.25
CA ASN B 186 23.98 4.16 6.03
C ASN B 186 23.07 2.99 6.44
N ILE B 187 21.97 3.31 7.14
CA ILE B 187 20.85 2.35 7.39
C ILE B 187 19.49 2.93 6.96
N SER B 188 18.41 2.16 7.18
CA SER B 188 17.00 2.49 6.84
C SER B 188 16.47 3.55 7.80
N VAL B 189 15.67 4.49 7.30
CA VAL B 189 14.94 5.50 8.12
C VAL B 189 13.90 4.83 9.01
N LYS B 190 13.45 3.60 8.70
CA LYS B 190 12.50 2.78 9.52
C LYS B 190 13.12 2.37 10.86
N ASP B 191 14.46 2.39 10.97
CA ASP B 191 15.28 1.82 12.07
C ASP B 191 15.85 2.92 13.00
N VAL B 192 15.84 4.20 12.56
CA VAL B 192 16.32 5.40 13.31
C VAL B 192 15.11 6.09 13.97
N THR B 193 15.18 6.33 15.30
CA THR B 193 14.12 7.02 16.09
C THR B 193 14.68 8.27 16.78
N GLY B 194 14.34 9.47 16.29
CA GLY B 194 14.69 10.77 16.89
C GLY B 194 13.72 11.12 18.01
N PHE B 195 14.19 11.83 19.04
CA PHE B 195 13.35 12.33 20.18
C PHE B 195 13.54 13.85 20.33
N VAL B 196 12.55 14.65 19.89
CA VAL B 196 12.58 16.15 19.94
C VAL B 196 11.48 16.72 20.85
N LEU B 197 11.88 17.65 21.73
CA LEU B 197 11.01 18.35 22.71
C LEU B 197 10.97 19.84 22.37
N GLY B 198 9.85 20.52 22.61
CA GLY B 198 9.62 21.92 22.24
C GLY B 198 9.55 22.11 20.73
N GLY B 199 9.68 23.36 20.27
CA GLY B 199 9.55 23.83 18.87
C GLY B 199 10.82 23.63 18.04
N HIS B 200 10.98 24.39 16.95
CA HIS B 200 12.10 24.29 15.96
C HIS B 200 13.31 25.16 16.35
N GLY B 201 14.50 24.80 15.85
CA GLY B 201 15.74 25.61 15.89
C GLY B 201 16.24 25.83 17.30
N ASP B 202 16.27 27.08 17.75
CA ASP B 202 16.85 27.44 19.07
C ASP B 202 15.86 27.02 20.16
N ASP B 203 14.57 26.98 19.82
CA ASP B 203 13.52 26.53 20.76
C ASP B 203 13.52 25.00 20.86
N MET B 204 14.38 24.29 20.09
CA MET B 204 14.39 22.80 20.02
C MET B 204 15.11 22.26 21.26
N VAL B 205 14.50 21.30 21.94
CA VAL B 205 15.22 20.55 23.01
C VAL B 205 15.40 19.14 22.50
N PRO B 206 16.56 18.81 21.90
CA PRO B 206 16.82 17.46 21.41
C PRO B 206 17.08 16.50 22.58
N LEU B 207 16.61 15.26 22.49
CA LEU B 207 17.02 14.15 23.40
C LEU B 207 17.74 13.08 22.58
N VAL B 208 19.07 13.19 22.49
CA VAL B 208 20.01 12.21 21.84
C VAL B 208 20.06 10.91 22.64
N ARG B 209 19.89 11.00 23.96
CA ARG B 209 20.02 9.85 24.88
C ARG B 209 18.86 8.89 24.61
N TYR B 210 17.73 9.45 24.15
CA TYR B 210 16.51 8.69 23.73
C TYR B 210 16.40 8.71 22.21
N SER B 211 17.54 8.64 21.54
CA SER B 211 17.64 8.52 20.08
C SER B 211 18.50 7.29 19.78
N TYR B 212 18.04 6.39 18.89
CA TYR B 212 18.63 5.04 18.63
C TYR B 212 18.65 4.73 17.11
N ALA B 213 19.56 3.83 16.72
CA ALA B 213 19.54 3.09 15.44
C ALA B 213 19.22 1.62 15.74
N GLY B 214 17.97 1.22 15.48
CA GLY B 214 17.41 -0.09 15.86
C GLY B 214 17.58 -0.33 17.35
N GLY B 215 17.15 0.63 18.15
CA GLY B 215 17.21 0.59 19.62
C GLY B 215 18.64 0.67 20.17
N ILE B 216 19.67 0.90 19.34
CA ILE B 216 21.08 1.09 19.81
C ILE B 216 21.25 2.60 20.04
N PRO B 217 21.47 3.10 21.29
CA PRO B 217 21.71 4.51 21.52
C PRO B 217 22.73 5.09 20.52
N LEU B 218 22.35 6.17 19.82
CA LEU B 218 23.16 6.80 18.73
C LEU B 218 24.49 7.29 19.29
N GLU B 219 24.48 7.69 20.57
CA GLU B 219 25.62 8.27 21.31
C GLU B 219 26.75 7.24 21.44
N LYS B 220 26.47 5.99 21.05
CA LYS B 220 27.47 4.89 21.02
C LYS B 220 27.77 4.48 19.57
N LEU B 221 27.09 5.07 18.58
CA LEU B 221 27.30 4.74 17.14
C LEU B 221 27.92 5.94 16.41
N ILE B 222 27.44 7.15 16.72
CA ILE B 222 27.91 8.43 16.10
C ILE B 222 28.82 9.12 17.11
N PRO B 223 29.98 9.67 16.69
CA PRO B 223 30.81 10.46 17.60
C PRO B 223 30.21 11.85 17.86
N LYS B 224 30.12 12.23 19.13
CA LYS B 224 29.65 13.54 19.64
C LYS B 224 29.77 14.64 18.56
N ASP B 225 30.98 14.98 18.10
CA ASP B 225 31.17 16.15 17.18
C ASP B 225 30.17 16.04 16.02
N ARG B 226 30.10 14.88 15.35
CA ARG B 226 29.15 14.64 14.22
C ARG B 226 27.70 14.65 14.74
N LEU B 227 27.44 14.06 15.91
CA LEU B 227 26.07 14.05 16.48
C LEU B 227 25.61 15.46 16.84
N ASP B 228 26.50 16.31 17.36
CA ASP B 228 26.22 17.73 17.70
C ASP B 228 25.89 18.52 16.43
N ALA B 229 26.46 18.06 15.32
CA ALA B 229 26.35 18.64 13.98
C ALA B 229 24.93 18.39 13.44
N ILE B 230 24.44 17.17 13.66
CA ILE B 230 23.16 16.56 13.19
C ILE B 230 22.03 17.25 13.94
N VAL B 231 22.26 17.53 15.22
CA VAL B 231 21.35 18.30 16.12
C VAL B 231 21.15 19.70 15.54
N GLU B 232 22.25 20.40 15.26
CA GLU B 232 22.26 21.82 14.83
C GLU B 232 21.65 21.92 13.42
N ARG B 233 22.00 20.98 12.53
CA ARG B 233 21.39 20.89 11.19
C ARG B 233 19.88 20.65 11.40
N THR B 234 19.48 19.78 12.33
CA THR B 234 18.04 19.57 12.57
C THR B 234 17.42 20.92 12.92
N ARG B 235 18.11 21.63 13.80
CA ARG B 235 17.72 22.98 14.28
C ARG B 235 17.60 23.87 13.05
N LYS B 236 18.58 23.78 12.15
CA LYS B 236 18.69 24.69 10.98
C LYS B 236 18.01 24.09 9.74
N GLY B 237 17.09 23.14 9.95
CA GLY B 237 16.56 22.23 8.92
C GLY B 237 15.54 22.87 8.00
N GLY B 238 14.67 23.69 8.56
CA GLY B 238 13.60 24.37 7.79
C GLY B 238 14.13 25.65 7.15
N GLY B 239 15.12 26.30 7.76
CA GLY B 239 15.83 27.45 7.17
C GLY B 239 16.59 27.00 5.93
N GLU B 240 17.21 25.83 6.06
CA GLU B 240 18.05 25.16 5.02
C GLU B 240 17.23 24.93 3.74
N ILE B 241 16.00 24.42 3.84
CA ILE B 241 15.13 24.21 2.65
C ILE B 241 14.77 25.59 2.07
N VAL B 242 14.40 26.56 2.92
CA VAL B 242 14.07 27.96 2.47
C VAL B 242 15.18 28.52 1.58
N ASN B 243 16.46 28.27 1.89
CA ASN B 243 17.64 28.83 1.20
C ASN B 243 17.90 28.07 -0.12
N LEU B 244 17.63 26.78 -0.09
CA LEU B 244 17.64 25.88 -1.27
C LEU B 244 16.60 26.41 -2.27
N LEU B 245 15.32 26.47 -1.87
CA LEU B 245 14.19 26.88 -2.74
C LEU B 245 14.41 28.30 -3.26
N GLY B 246 14.77 29.26 -2.38
CA GLY B 246 14.90 30.68 -2.76
C GLY B 246 13.54 31.36 -2.77
N ASN B 247 12.48 30.64 -3.15
CA ASN B 247 11.06 31.06 -3.07
C ASN B 247 10.29 29.96 -2.31
N GLY B 248 10.08 30.11 -1.01
CA GLY B 248 9.11 29.31 -0.23
C GLY B 248 9.84 28.48 0.80
N SER B 249 9.12 27.73 1.63
CA SER B 249 9.68 26.77 2.61
C SER B 249 9.26 25.34 2.25
N ALA B 250 9.57 24.39 3.13
CA ALA B 250 9.33 22.95 2.94
C ALA B 250 7.81 22.75 2.84
N TYR B 251 7.38 21.78 2.03
CA TYR B 251 5.97 21.27 2.02
C TYR B 251 5.94 19.73 2.01
N TYR B 252 6.95 19.01 1.49
CA TYR B 252 6.85 17.54 1.30
C TYR B 252 6.84 16.83 2.64
N ALA B 253 7.87 17.10 3.44
CA ALA B 253 8.16 16.50 4.75
C ALA B 253 7.19 17.00 5.82
N PRO B 254 6.94 18.34 5.87
CA PRO B 254 5.84 18.88 6.66
C PRO B 254 4.50 18.21 6.32
N ALA B 255 4.13 18.15 5.03
CA ALA B 255 2.91 17.48 4.53
C ALA B 255 2.86 16.04 5.08
N ALA B 256 3.94 15.27 4.93
CA ALA B 256 3.99 13.86 5.37
C ALA B 256 3.83 13.76 6.89
N SER B 257 4.32 14.76 7.61
CA SER B 257 4.21 14.87 9.09
C SER B 257 2.74 14.98 9.50
N LEU B 258 1.97 15.79 8.76
CA LEU B 258 0.55 16.18 9.04
C LEU B 258 -0.33 14.94 8.89
N VAL B 259 -0.21 14.28 7.73
CA VAL B 259 -0.90 13.02 7.36
C VAL B 259 -0.65 11.98 8.47
N GLU B 260 0.60 11.80 8.90
CA GLU B 260 0.92 10.68 9.82
C GLU B 260 0.16 10.88 11.14
N MET B 261 -0.07 12.15 11.53
CA MET B 261 -0.80 12.54 12.77
C MET B 261 -2.31 12.39 12.55
N VAL B 262 -2.79 12.62 11.33
CA VAL B 262 -4.21 12.44 10.88
C VAL B 262 -4.51 10.94 10.87
N GLU B 263 -3.57 10.13 10.34
CA GLU B 263 -3.58 8.63 10.29
C GLU B 263 -3.76 8.08 11.72
N ALA B 264 -3.01 8.62 12.68
CA ALA B 264 -3.07 8.36 14.14
C ALA B 264 -4.48 8.54 14.71
N ILE B 265 -5.16 9.66 14.39
CA ILE B 265 -6.49 10.00 14.99
C ILE B 265 -7.55 9.17 14.28
N LEU B 266 -7.62 9.31 12.95
CA LEU B 266 -8.58 8.57 12.06
C LEU B 266 -8.56 7.06 12.30
N LYS B 267 -7.40 6.45 12.59
CA LYS B 267 -7.32 4.97 12.77
C LYS B 267 -7.09 4.60 14.24
N ASP B 268 -7.22 5.56 15.17
CA ASP B 268 -6.97 5.33 16.62
C ASP B 268 -5.77 4.39 16.75
N GLN B 269 -4.59 4.87 16.34
CA GLN B 269 -3.38 4.02 16.20
C GLN B 269 -2.57 4.07 17.51
N ARG B 270 -2.94 5.00 18.39
CA ARG B 270 -2.26 5.25 19.68
C ARG B 270 -0.74 5.33 19.44
N ARG B 271 -0.39 6.24 18.54
CA ARG B 271 1.02 6.51 18.18
C ARG B 271 1.66 7.26 19.34
N ILE B 272 2.91 6.95 19.65
CA ILE B 272 3.76 7.88 20.46
C ILE B 272 4.58 8.68 19.46
N LEU B 273 4.24 9.98 19.37
CA LEU B 273 4.82 10.97 18.44
C LEU B 273 4.95 12.25 19.23
N PRO B 274 5.92 13.13 18.89
CA PRO B 274 5.98 14.46 19.49
C PRO B 274 4.96 15.36 18.79
N ALA B 275 4.12 16.05 19.55
CA ALA B 275 3.10 17.02 19.07
C ALA B 275 3.27 18.32 19.85
N ILE B 276 2.86 19.49 19.30
CA ILE B 276 2.53 20.71 20.11
C ILE B 276 1.19 20.44 20.83
N ALA B 277 1.15 20.58 22.16
CA ALA B 277 0.04 20.15 23.06
C ALA B 277 -0.10 21.10 24.25
N TYR B 278 -1.34 21.35 24.67
CA TYR B 278 -1.65 22.09 25.91
C TYR B 278 -1.00 21.35 27.08
N LEU B 279 -0.39 22.13 27.95
CA LEU B 279 0.22 21.64 29.21
C LEU B 279 -0.61 22.20 30.38
N GLU B 280 -1.01 21.33 31.32
CA GLU B 280 -1.83 21.70 32.51
C GLU B 280 -1.10 21.22 33.79
N GLY B 281 0.19 21.52 33.89
CA GLY B 281 1.09 21.14 34.99
C GLY B 281 2.26 20.31 34.50
N GLU B 282 2.12 19.67 33.33
CA GLU B 282 3.15 18.78 32.73
C GLU B 282 4.49 19.54 32.66
N TYR B 283 5.57 18.90 33.15
CA TYR B 283 6.97 19.39 33.26
C TYR B 283 7.02 20.63 34.18
N GLY B 284 6.01 20.85 35.02
CA GLY B 284 5.89 22.02 35.90
C GLY B 284 5.45 23.28 35.16
N TYR B 285 5.01 23.15 33.90
CA TYR B 285 4.46 24.27 33.09
C TYR B 285 2.98 24.01 32.80
N GLU B 286 2.28 25.07 32.44
CA GLU B 286 0.86 25.00 32.01
C GLU B 286 0.44 26.33 31.41
N GLY B 287 -0.79 26.40 30.92
CA GLY B 287 -1.33 27.58 30.23
C GLY B 287 -0.45 27.95 29.04
N ILE B 288 0.23 26.96 28.42
CA ILE B 288 0.91 27.13 27.11
C ILE B 288 0.75 25.85 26.30
N TYR B 289 1.11 25.99 25.01
CA TYR B 289 1.48 24.94 24.05
C TYR B 289 3.01 24.80 24.04
N LEU B 290 3.47 23.57 23.81
CA LEU B 290 4.88 23.12 23.88
C LEU B 290 4.96 21.69 23.28
N GLY B 291 6.02 21.42 22.51
CA GLY B 291 6.29 20.14 21.84
C GLY B 291 6.78 19.10 22.83
N VAL B 292 5.99 18.07 23.10
CA VAL B 292 6.19 17.06 24.20
C VAL B 292 5.92 15.65 23.67
N PRO B 293 6.33 14.58 24.39
CA PRO B 293 5.98 13.22 23.97
C PRO B 293 4.49 13.07 24.24
N THR B 294 3.78 12.38 23.35
CA THR B 294 2.30 12.38 23.20
C THR B 294 1.85 10.97 22.83
N ILE B 295 0.62 10.58 23.21
CA ILE B 295 -0.04 9.37 22.66
C ILE B 295 -1.17 9.85 21.77
N LEU B 296 -1.19 9.39 20.51
CA LEU B 296 -2.03 9.99 19.44
C LEU B 296 -3.02 8.92 18.99
N GLY B 297 -4.31 9.15 19.18
CA GLY B 297 -5.34 8.13 18.90
C GLY B 297 -6.66 8.78 18.64
N GLY B 298 -7.74 8.04 18.86
CA GLY B 298 -9.10 8.40 18.44
C GLY B 298 -9.65 9.59 19.19
N ASN B 299 -9.04 9.92 20.34
CA ASN B 299 -9.38 11.12 21.16
C ASN B 299 -8.23 12.16 21.02
N GLY B 300 -7.62 12.24 19.83
CA GLY B 300 -6.40 13.03 19.54
C GLY B 300 -5.30 12.79 20.55
N ILE B 301 -5.02 13.77 21.42
CA ILE B 301 -3.99 13.67 22.49
C ILE B 301 -4.62 13.02 23.72
N GLU B 302 -4.29 11.74 23.94
CA GLU B 302 -4.85 10.80 24.94
C GLU B 302 -4.09 10.91 26.27
N LYS B 303 -2.80 11.21 26.17
CA LYS B 303 -1.82 11.36 27.29
C LYS B 303 -0.62 12.16 26.77
N VAL B 304 -0.35 13.32 27.41
CA VAL B 304 0.99 13.98 27.41
C VAL B 304 1.88 13.08 28.26
N ILE B 305 3.14 12.87 27.87
CA ILE B 305 4.08 11.99 28.62
C ILE B 305 5.10 12.86 29.37
N GLU B 306 5.17 12.74 30.70
CA GLU B 306 6.24 13.37 31.52
C GLU B 306 7.40 12.38 31.62
N LEU B 307 8.46 12.60 30.84
CA LEU B 307 9.82 12.09 31.09
C LEU B 307 10.35 12.67 32.41
N GLU B 308 11.28 11.95 33.02
CA GLU B 308 12.27 12.43 34.00
C GLU B 308 13.49 12.93 33.20
N LEU B 309 13.83 14.20 33.37
CA LEU B 309 14.76 14.94 32.49
C LEU B 309 16.05 15.15 33.28
N THR B 310 17.21 15.25 32.62
CA THR B 310 18.51 15.59 33.30
C THR B 310 18.52 17.12 33.51
N GLU B 311 19.52 17.64 34.21
CA GLU B 311 19.55 19.06 34.69
C GLU B 311 19.64 20.03 33.51
N GLU B 312 20.53 19.75 32.54
CA GLU B 312 20.73 20.50 31.27
C GLU B 312 19.44 20.53 30.43
N GLU B 313 18.69 19.44 30.41
CA GLU B 313 17.46 19.27 29.60
C GLU B 313 16.35 20.14 30.22
N LYS B 314 16.06 19.92 31.50
CA LYS B 314 15.21 20.80 32.36
C LYS B 314 15.46 22.29 32.07
N ALA B 315 16.71 22.74 32.10
CA ALA B 315 17.11 24.17 32.01
C ALA B 315 16.98 24.67 30.56
N ALA B 316 17.33 23.82 29.59
CA ALA B 316 17.17 24.06 28.13
C ALA B 316 15.67 24.06 27.74
N LEU B 317 14.86 23.25 28.41
CA LEU B 317 13.38 23.24 28.21
C LEU B 317 12.82 24.60 28.67
N ALA B 318 13.34 25.12 29.80
CA ALA B 318 12.92 26.41 30.39
C ALA B 318 13.19 27.55 29.39
N LYS B 319 14.32 27.53 28.67
CA LYS B 319 14.71 28.54 27.65
C LYS B 319 13.60 28.57 26.57
N SER B 320 13.18 27.36 26.19
CA SER B 320 12.26 27.01 25.09
C SER B 320 10.82 27.39 25.47
N VAL B 321 10.50 27.28 26.75
CA VAL B 321 9.18 27.64 27.36
C VAL B 321 9.05 29.16 27.42
N GLU B 322 10.10 29.85 27.86
CA GLU B 322 10.18 31.34 27.89
C GLU B 322 10.32 31.86 26.46
N SER B 323 10.95 31.09 25.56
CA SER B 323 11.00 31.43 24.10
C SER B 323 9.61 31.30 23.46
N VAL B 324 8.67 30.55 24.06
CA VAL B 324 7.26 30.44 23.54
C VAL B 324 6.37 31.46 24.24
N LYS B 325 6.67 31.77 25.51
CA LYS B 325 5.96 32.83 26.26
C LYS B 325 6.24 34.17 25.58
N ASN B 326 7.40 34.28 24.93
CA ASN B 326 7.82 35.46 24.13
C ASN B 326 6.83 35.69 22.98
N VAL B 327 6.77 34.78 22.01
CA VAL B 327 5.82 34.87 20.83
C VAL B 327 4.41 35.11 21.38
N MET B 328 4.02 34.46 22.50
CA MET B 328 2.68 34.64 23.13
C MET B 328 2.51 36.07 23.71
N ARG B 329 3.60 36.76 24.07
CA ARG B 329 3.49 38.20 24.41
C ARG B 329 3.26 38.99 23.10
N MET B 330 3.76 38.49 21.97
CA MET B 330 3.53 39.06 20.61
C MET B 330 2.12 38.76 20.07
N LEU B 331 1.38 37.78 20.63
CA LEU B 331 -0.08 37.65 20.38
C LEU B 331 -0.77 38.87 20.99
N GLU B 332 -1.89 39.30 20.40
CA GLU B 332 -2.66 40.51 20.81
C GLU B 332 -3.99 40.09 21.43
N ALA C 22 15.78 -4.94 -21.27
CA ALA C 22 14.61 -5.73 -20.79
C ALA C 22 14.53 -5.79 -19.25
N MET C 23 13.60 -5.05 -18.63
CA MET C 23 13.37 -5.06 -17.16
C MET C 23 12.67 -6.38 -16.82
N LYS C 24 13.05 -7.02 -15.71
CA LYS C 24 12.62 -8.41 -15.34
C LYS C 24 12.37 -8.52 -13.82
N ARG C 25 11.29 -9.20 -13.42
CA ARG C 25 10.81 -9.38 -12.00
C ARG C 25 11.87 -10.04 -11.13
N LYS C 26 11.92 -9.71 -9.82
CA LYS C 26 12.61 -10.50 -8.75
C LYS C 26 11.88 -11.84 -8.58
N LYS C 27 12.61 -12.96 -8.48
CA LYS C 27 12.00 -14.33 -8.37
C LYS C 27 12.31 -14.95 -7.01
N ILE C 28 11.30 -15.48 -6.29
CA ILE C 28 11.45 -16.00 -4.89
C ILE C 28 10.89 -17.43 -4.81
N SER C 29 11.74 -18.41 -4.53
CA SER C 29 11.33 -19.83 -4.40
C SER C 29 11.19 -20.17 -2.92
N VAL C 30 9.94 -20.40 -2.48
CA VAL C 30 9.58 -20.82 -1.09
C VAL C 30 9.63 -22.35 -1.02
N ILE C 31 10.78 -22.87 -0.59
CA ILE C 31 11.07 -24.31 -0.29
C ILE C 31 10.35 -24.70 1.01
N GLY C 32 9.29 -25.48 0.85
CA GLY C 32 8.25 -25.75 1.86
C GLY C 32 6.94 -25.16 1.40
N ALA C 33 5.93 -25.99 1.17
CA ALA C 33 4.60 -25.57 0.70
C ALA C 33 3.56 -25.92 1.75
N GLY C 34 3.95 -25.85 3.02
CA GLY C 34 3.04 -26.04 4.17
C GLY C 34 2.62 -24.69 4.71
N PHE C 35 2.23 -24.66 5.98
CA PHE C 35 1.58 -23.50 6.64
C PHE C 35 2.48 -22.26 6.50
N THR C 36 3.77 -22.31 6.89
CA THR C 36 4.67 -21.12 6.84
C THR C 36 5.10 -20.85 5.40
N GLY C 37 5.51 -21.88 4.68
CA GLY C 37 5.91 -21.76 3.26
C GLY C 37 4.84 -21.12 2.38
N ALA C 38 3.61 -21.61 2.47
CA ALA C 38 2.45 -21.17 1.67
C ALA C 38 2.12 -19.72 2.04
N THR C 39 1.97 -19.44 3.34
CA THR C 39 1.57 -18.13 3.92
C THR C 39 2.59 -17.08 3.53
N THR C 40 3.86 -17.46 3.51
CA THR C 40 4.95 -16.55 3.08
C THR C 40 4.75 -16.17 1.61
N ALA C 41 4.59 -17.13 0.69
CA ALA C 41 4.51 -16.94 -0.79
C ALA C 41 3.35 -16.00 -1.18
N PHE C 42 2.22 -16.08 -0.46
CA PHE C 42 1.03 -15.25 -0.72
C PHE C 42 1.40 -13.78 -0.56
N LEU C 43 1.53 -13.34 0.70
CA LEU C 43 2.18 -12.08 1.13
C LEU C 43 3.21 -11.62 0.09
N LEU C 44 4.20 -12.46 -0.26
CA LEU C 44 5.29 -12.04 -1.19
C LEU C 44 4.67 -11.56 -2.50
N ALA C 45 3.78 -12.38 -3.09
CA ALA C 45 3.02 -12.07 -4.33
C ALA C 45 2.14 -10.81 -4.16
N GLN C 46 1.39 -10.76 -3.05
CA GLN C 46 0.57 -9.61 -2.57
C GLN C 46 1.33 -8.29 -2.69
N LYS C 47 2.55 -8.23 -2.13
CA LYS C 47 3.36 -6.99 -1.96
C LYS C 47 4.00 -6.63 -3.29
N GLU C 48 3.95 -7.56 -4.27
CA GLU C 48 4.59 -7.55 -5.61
C GLU C 48 6.11 -7.60 -5.46
N LEU C 49 6.66 -8.21 -4.41
CA LEU C 49 8.14 -8.31 -4.26
C LEU C 49 8.72 -9.14 -5.42
N GLY C 50 7.86 -9.92 -6.10
CA GLY C 50 8.14 -10.52 -7.42
C GLY C 50 7.37 -11.81 -7.69
N ASP C 51 7.99 -12.71 -8.45
CA ASP C 51 7.44 -14.00 -8.93
C ASP C 51 7.82 -15.07 -7.90
N VAL C 52 6.97 -16.08 -7.70
CA VAL C 52 7.07 -16.99 -6.51
C VAL C 52 6.89 -18.44 -6.97
N VAL C 53 7.92 -19.27 -6.77
CA VAL C 53 7.89 -20.74 -7.02
C VAL C 53 7.59 -21.38 -5.67
N LEU C 54 6.48 -22.11 -5.58
CA LEU C 54 6.12 -22.90 -4.37
C LEU C 54 6.57 -24.36 -4.58
N VAL C 55 7.25 -24.93 -3.58
CA VAL C 55 7.92 -26.25 -3.69
C VAL C 55 7.55 -27.07 -2.45
N ASP C 56 7.44 -28.39 -2.66
CA ASP C 56 7.29 -29.45 -1.62
C ASP C 56 7.69 -30.76 -2.28
N ILE C 57 7.33 -31.93 -1.71
CA ILE C 57 7.72 -33.25 -2.27
C ILE C 57 6.76 -33.60 -3.41
N PRO C 58 7.13 -34.50 -4.37
CA PRO C 58 6.33 -34.75 -5.57
C PRO C 58 5.03 -35.51 -5.30
N GLN C 59 4.95 -36.20 -4.18
CA GLN C 59 3.65 -36.63 -3.63
C GLN C 59 2.78 -35.38 -3.58
N LEU C 60 3.21 -34.39 -2.81
CA LEU C 60 2.42 -33.19 -2.45
C LEU C 60 2.54 -32.16 -3.56
N GLU C 61 2.81 -32.60 -4.79
CA GLU C 61 2.95 -31.78 -6.01
C GLU C 61 1.63 -31.04 -6.30
N ASN C 62 0.53 -31.76 -6.21
CA ASN C 62 -0.82 -31.25 -6.55
C ASN C 62 -1.33 -30.31 -5.47
N PRO C 63 -1.23 -30.67 -4.16
CA PRO C 63 -1.69 -29.76 -3.12
C PRO C 63 -0.93 -28.44 -3.27
N THR C 64 0.38 -28.50 -3.51
CA THR C 64 1.22 -27.32 -3.83
C THR C 64 0.54 -26.52 -4.95
N LYS C 65 0.50 -27.06 -6.18
CA LYS C 65 0.03 -26.44 -7.46
C LYS C 65 -1.27 -25.65 -7.29
N GLY C 66 -2.15 -26.15 -6.42
CA GLY C 66 -3.50 -25.64 -6.15
C GLY C 66 -3.51 -24.64 -5.00
N LYS C 67 -2.49 -24.68 -4.15
CA LYS C 67 -2.08 -23.51 -3.34
C LYS C 67 -1.59 -22.44 -4.31
N ALA C 68 -0.72 -22.81 -5.26
CA ALA C 68 -0.14 -21.85 -6.24
C ALA C 68 -1.25 -21.18 -7.07
N LEU C 69 -2.25 -21.95 -7.51
CA LEU C 69 -3.33 -21.47 -8.42
C LEU C 69 -4.37 -20.64 -7.64
N ASP C 70 -4.83 -21.17 -6.50
CA ASP C 70 -5.72 -20.43 -5.56
C ASP C 70 -5.16 -19.02 -5.34
N MET C 71 -3.86 -18.89 -5.07
CA MET C 71 -3.15 -17.61 -4.76
C MET C 71 -3.10 -16.72 -6.00
N LEU C 72 -2.71 -17.30 -7.14
CA LEU C 72 -2.67 -16.57 -8.42
C LEU C 72 -4.12 -16.20 -8.80
N GLU C 73 -5.12 -16.90 -8.29
CA GLU C 73 -6.52 -16.59 -8.66
C GLU C 73 -7.01 -15.43 -7.79
N ALA C 74 -6.29 -15.07 -6.72
CA ALA C 74 -6.64 -13.93 -5.84
C ALA C 74 -6.05 -12.63 -6.41
N SER C 75 -5.11 -12.70 -7.35
CA SER C 75 -4.36 -11.52 -7.89
C SER C 75 -5.31 -10.52 -8.58
N PRO C 76 -6.28 -10.93 -9.44
CA PRO C 76 -7.23 -9.98 -10.01
C PRO C 76 -8.02 -9.15 -8.98
N VAL C 77 -8.34 -9.76 -7.84
CA VAL C 77 -9.21 -9.15 -6.78
C VAL C 77 -8.38 -8.16 -5.97
N LEU C 78 -7.21 -8.60 -5.46
CA LEU C 78 -6.25 -7.72 -4.74
C LEU C 78 -5.54 -6.81 -5.75
N GLY C 79 -5.25 -7.32 -6.95
CA GLY C 79 -4.79 -6.47 -8.06
C GLY C 79 -3.28 -6.28 -7.98
N PHE C 80 -2.54 -7.39 -7.91
CA PHE C 80 -1.06 -7.45 -7.95
C PHE C 80 -0.69 -8.31 -9.16
N ASP C 81 0.35 -7.95 -9.91
CA ASP C 81 0.85 -8.76 -11.04
C ASP C 81 1.98 -9.63 -10.49
N ALA C 82 1.75 -10.94 -10.42
CA ALA C 82 2.69 -11.93 -9.87
C ALA C 82 2.34 -13.31 -10.43
N ASN C 83 3.32 -14.00 -11.01
CA ASN C 83 3.23 -15.44 -11.33
C ASN C 83 3.53 -16.21 -10.05
N ILE C 84 2.52 -16.88 -9.49
CA ILE C 84 2.62 -17.91 -8.42
C ILE C 84 2.38 -19.26 -9.08
N ILE C 85 3.37 -20.19 -9.04
CA ILE C 85 3.34 -21.59 -9.57
C ILE C 85 3.70 -22.57 -8.44
N GLY C 86 3.10 -23.76 -8.46
CA GLY C 86 3.37 -24.87 -7.54
C GLY C 86 4.16 -25.95 -8.27
N THR C 87 5.22 -26.47 -7.68
CA THR C 87 6.10 -27.48 -8.33
C THR C 87 6.80 -28.38 -7.30
N SER C 88 7.17 -29.61 -7.71
CA SER C 88 8.13 -30.52 -7.01
C SER C 88 9.42 -30.70 -7.83
N ASP C 89 9.51 -30.12 -9.03
CA ASP C 89 10.73 -30.14 -9.88
C ASP C 89 11.47 -28.83 -9.59
N TYR C 90 12.75 -28.94 -9.22
CA TYR C 90 13.57 -27.81 -8.73
C TYR C 90 13.96 -26.90 -9.90
N ALA C 91 13.89 -27.42 -11.13
CA ALA C 91 14.19 -26.68 -12.38
C ALA C 91 13.40 -25.37 -12.40
N ASP C 92 12.23 -25.36 -11.75
CA ASP C 92 11.19 -24.28 -11.84
C ASP C 92 11.57 -23.15 -10.87
N THR C 93 12.58 -23.40 -10.03
CA THR C 93 13.22 -22.44 -9.08
C THR C 93 14.56 -21.97 -9.66
N ALA C 94 14.75 -22.11 -10.98
CA ALA C 94 15.91 -21.57 -11.76
C ALA C 94 15.93 -20.04 -11.65
N ASP C 95 17.07 -19.48 -11.21
CA ASP C 95 17.49 -18.05 -11.32
C ASP C 95 16.98 -17.23 -10.13
N SER C 96 16.48 -17.90 -9.09
CA SER C 96 15.87 -17.25 -7.91
C SER C 96 16.87 -16.27 -7.30
N ASP C 97 16.41 -15.06 -6.97
CA ASP C 97 17.19 -14.08 -6.19
C ASP C 97 17.20 -14.55 -4.74
N ILE C 98 16.03 -14.78 -4.15
CA ILE C 98 15.90 -15.29 -2.77
C ILE C 98 15.33 -16.73 -2.81
N VAL C 99 15.81 -17.57 -1.91
CA VAL C 99 15.25 -18.93 -1.67
C VAL C 99 14.90 -18.97 -0.18
N VAL C 100 13.62 -19.23 0.15
CA VAL C 100 13.14 -19.29 1.57
C VAL C 100 13.01 -20.76 2.00
N ILE C 101 13.76 -21.20 3.00
CA ILE C 101 13.81 -22.65 3.43
C ILE C 101 12.87 -22.84 4.61
N THR C 102 11.72 -23.45 4.34
CA THR C 102 10.76 -23.84 5.40
C THR C 102 10.52 -25.35 5.35
N ALA C 103 11.27 -26.10 4.54
CA ALA C 103 11.09 -27.58 4.46
C ALA C 103 11.59 -28.19 5.76
N GLY C 104 10.66 -28.63 6.62
CA GLY C 104 10.95 -29.46 7.81
C GLY C 104 9.74 -30.31 8.17
N ILE C 105 9.47 -30.47 9.47
CA ILE C 105 8.47 -31.45 10.01
C ILE C 105 7.82 -30.87 11.27
N ALA C 106 6.49 -30.86 11.32
CA ALA C 106 5.65 -30.01 12.21
C ALA C 106 6.36 -29.71 13.54
N LEU C 116 13.16 -33.22 16.37
CA LEU C 116 14.17 -34.03 15.63
C LEU C 116 15.02 -33.12 14.71
N VAL C 117 16.25 -32.92 15.16
CA VAL C 117 17.33 -32.11 14.53
C VAL C 117 17.94 -32.95 13.40
N THR C 118 17.81 -34.28 13.46
CA THR C 118 18.42 -35.23 12.46
C THR C 118 17.49 -35.33 11.25
N THR C 119 16.18 -35.42 11.49
CA THR C 119 15.10 -35.39 10.46
C THR C 119 15.16 -34.06 9.69
N ASN C 120 15.08 -32.92 10.39
CA ASN C 120 15.15 -31.59 9.72
C ASN C 120 16.57 -31.35 9.18
N GLN C 121 17.62 -31.81 9.85
CA GLN C 121 19.00 -31.72 9.28
C GLN C 121 19.02 -32.30 7.87
N LYS C 122 18.48 -33.52 7.70
CA LYS C 122 18.68 -34.37 6.51
C LYS C 122 17.86 -33.83 5.33
N ILE C 123 16.83 -33.05 5.63
CA ILE C 123 16.03 -32.28 4.63
C ILE C 123 16.92 -31.11 4.13
N MET C 124 17.48 -30.32 5.06
CA MET C 124 18.37 -29.17 4.72
C MET C 124 19.40 -29.61 3.66
N LYS C 125 20.05 -30.76 3.87
CA LYS C 125 21.18 -31.28 3.06
C LYS C 125 20.74 -31.61 1.62
N GLN C 126 19.66 -32.37 1.46
CA GLN C 126 19.05 -32.69 0.14
C GLN C 126 18.47 -31.41 -0.47
N VAL C 127 17.78 -30.60 0.34
CA VAL C 127 17.25 -29.26 -0.09
C VAL C 127 18.42 -28.41 -0.64
N THR C 128 19.41 -28.08 0.20
CA THR C 128 20.44 -27.07 -0.14
C THR C 128 21.16 -27.46 -1.46
N LYS C 129 21.31 -28.75 -1.77
CA LYS C 129 22.16 -29.23 -2.89
C LYS C 129 21.50 -28.88 -4.23
N GLU C 130 20.18 -29.07 -4.37
CA GLU C 130 19.45 -28.70 -5.60
C GLU C 130 19.37 -27.16 -5.65
N VAL C 131 19.19 -26.49 -4.51
CA VAL C 131 18.92 -25.03 -4.43
C VAL C 131 20.12 -24.25 -4.96
N VAL C 132 21.35 -24.55 -4.52
CA VAL C 132 22.58 -23.90 -5.06
C VAL C 132 22.71 -24.23 -6.56
N LYS C 133 22.00 -25.24 -7.07
CA LYS C 133 22.25 -25.85 -8.41
C LYS C 133 21.44 -25.14 -9.50
N TYR C 134 20.27 -24.57 -9.16
CA TYR C 134 19.42 -23.85 -10.15
C TYR C 134 19.57 -22.35 -9.91
N SER C 135 19.52 -21.91 -8.65
CA SER C 135 19.90 -20.54 -8.20
C SER C 135 21.24 -20.61 -7.48
N PRO C 136 22.38 -20.46 -8.19
CA PRO C 136 23.70 -20.42 -7.54
C PRO C 136 24.07 -19.04 -6.96
N ASN C 137 23.32 -17.98 -7.33
CA ASN C 137 23.65 -16.57 -6.98
C ASN C 137 22.84 -16.16 -5.73
N CYS C 138 21.95 -17.04 -5.26
CA CYS C 138 20.78 -16.67 -4.41
C CYS C 138 21.16 -16.56 -2.95
N TYR C 139 20.45 -15.68 -2.23
CA TYR C 139 20.53 -15.52 -0.77
C TYR C 139 19.59 -16.57 -0.15
N ILE C 140 20.01 -17.27 0.90
CA ILE C 140 19.16 -18.34 1.51
C ILE C 140 18.76 -17.85 2.89
N ILE C 141 17.48 -17.57 3.08
CA ILE C 141 16.91 -17.24 4.42
C ILE C 141 16.17 -18.48 4.93
N VAL C 142 16.62 -19.04 6.06
CA VAL C 142 16.12 -20.33 6.57
C VAL C 142 15.21 -20.07 7.77
N LEU C 143 14.21 -20.92 7.94
CA LEU C 143 13.28 -20.88 9.09
C LEU C 143 13.30 -22.21 9.87
N THR C 144 13.62 -23.33 9.21
CA THR C 144 13.46 -24.68 9.78
C THR C 144 14.12 -24.77 11.16
N ASN C 145 13.38 -25.32 12.15
CA ASN C 145 13.83 -25.57 13.55
C ASN C 145 14.71 -26.81 13.60
N PRO C 146 15.74 -26.86 14.49
CA PRO C 146 16.11 -25.75 15.35
C PRO C 146 17.00 -24.81 14.52
N VAL C 147 16.55 -23.58 14.32
CA VAL C 147 16.85 -22.80 13.08
C VAL C 147 18.36 -22.48 13.03
N ASP C 148 18.96 -22.04 14.15
CA ASP C 148 20.40 -21.65 14.19
C ASP C 148 21.24 -22.86 13.71
N ALA C 149 20.86 -24.07 14.12
CA ALA C 149 21.54 -25.33 13.73
C ALA C 149 21.13 -25.75 12.30
N MET C 150 19.87 -25.50 11.90
CA MET C 150 19.37 -25.83 10.54
C MET C 150 19.94 -24.87 9.50
N THR C 151 20.01 -23.57 9.79
CA THR C 151 20.69 -22.57 8.94
C THR C 151 22.20 -22.90 8.84
N TYR C 152 22.81 -23.28 9.97
CA TYR C 152 24.24 -23.68 10.02
C TYR C 152 24.45 -24.82 9.03
N THR C 153 23.65 -25.87 9.15
CA THR C 153 23.56 -27.01 8.20
C THR C 153 23.37 -26.54 6.76
N VAL C 154 22.52 -25.53 6.51
CA VAL C 154 22.37 -24.88 5.16
C VAL C 154 23.68 -24.21 4.77
N PHE C 155 24.24 -23.39 5.67
CA PHE C 155 25.53 -22.69 5.42
C PHE C 155 26.57 -23.73 4.98
N LYS C 156 26.72 -24.85 5.68
CA LYS C 156 27.85 -25.79 5.42
C LYS C 156 27.64 -26.50 4.08
N GLU C 157 26.42 -26.89 3.71
CA GLU C 157 26.23 -27.65 2.42
C GLU C 157 26.27 -26.66 1.25
N SER C 158 25.93 -25.40 1.48
CA SER C 158 25.64 -24.38 0.44
C SER C 158 26.85 -24.17 -0.47
N GLY C 159 28.04 -23.96 0.10
CA GLY C 159 29.23 -23.47 -0.61
C GLY C 159 29.22 -21.96 -0.76
N PHE C 160 28.23 -21.27 -0.19
CA PHE C 160 28.06 -19.80 -0.36
C PHE C 160 28.88 -19.06 0.68
N PRO C 161 29.14 -17.74 0.48
CA PRO C 161 29.54 -16.82 1.56
C PRO C 161 28.61 -16.73 2.80
N LYS C 162 29.16 -16.27 3.93
CA LYS C 162 28.48 -16.20 5.27
C LYS C 162 27.30 -15.20 5.26
N ASN C 163 27.33 -14.18 4.39
CA ASN C 163 26.30 -13.13 4.17
C ASN C 163 25.08 -13.64 3.37
N ARG C 164 25.24 -14.75 2.65
CA ARG C 164 24.27 -15.26 1.64
C ARG C 164 23.30 -16.25 2.26
N VAL C 165 23.62 -16.76 3.44
CA VAL C 165 22.78 -17.71 4.21
C VAL C 165 22.41 -17.06 5.55
N ILE C 166 21.10 -16.87 5.73
CA ILE C 166 20.51 -16.12 6.88
C ILE C 166 19.49 -17.02 7.57
N GLY C 167 19.30 -16.82 8.87
CA GLY C 167 18.19 -17.43 9.63
C GLY C 167 17.19 -16.39 10.11
N GLN C 168 16.02 -16.87 10.50
CA GLN C 168 14.86 -16.10 11.01
C GLN C 168 14.61 -16.56 12.44
N SER C 169 14.65 -15.63 13.41
CA SER C 169 14.41 -15.85 14.87
C SER C 169 14.03 -14.55 15.57
N GLY C 170 14.95 -13.60 15.67
CA GLY C 170 14.74 -12.40 16.50
C GLY C 170 13.60 -11.56 15.96
N VAL C 171 13.45 -11.43 14.65
CA VAL C 171 12.30 -10.67 14.06
C VAL C 171 10.98 -11.25 14.60
N LEU C 172 10.84 -12.58 14.66
CA LEU C 172 9.64 -13.25 15.27
C LEU C 172 9.62 -13.03 16.80
N ASP C 173 10.69 -13.39 17.53
CA ASP C 173 10.65 -13.32 19.02
C ASP C 173 10.41 -11.85 19.37
N THR C 174 11.23 -10.95 18.81
CA THR C 174 11.12 -9.48 19.02
C THR C 174 9.66 -9.07 18.78
N ALA C 175 9.05 -9.54 17.67
CA ALA C 175 7.65 -9.20 17.31
C ALA C 175 6.68 -9.79 18.34
N ARG C 176 6.97 -10.94 18.93
CA ARG C 176 6.12 -11.44 20.05
C ARG C 176 6.26 -10.47 21.23
N PHE C 177 7.47 -9.96 21.45
CA PHE C 177 7.80 -9.02 22.53
C PHE C 177 7.04 -7.70 22.35
N ARG C 178 7.08 -7.13 21.14
CA ARG C 178 6.50 -5.80 20.81
C ARG C 178 4.96 -5.90 20.91
N THR C 179 4.40 -7.06 20.57
CA THR C 179 2.97 -7.40 20.76
C THR C 179 2.68 -7.28 22.25
N PHE C 180 3.28 -8.15 23.06
CA PHE C 180 3.05 -8.22 24.53
C PHE C 180 3.28 -6.84 25.15
N VAL C 181 4.25 -6.10 24.63
CA VAL C 181 4.58 -4.74 25.10
C VAL C 181 3.55 -3.74 24.57
N ALA C 182 2.96 -4.00 23.38
CA ALA C 182 1.84 -3.21 22.80
C ALA C 182 0.57 -3.41 23.64
N GLU C 183 0.13 -4.66 23.92
CA GLU C 183 -1.06 -4.96 24.79
C GLU C 183 -0.92 -4.27 26.15
N GLU C 184 0.30 -4.28 26.71
CA GLU C 184 0.61 -3.93 28.12
C GLU C 184 0.46 -2.42 28.34
N LEU C 185 0.80 -1.62 27.31
CA LEU C 185 0.81 -0.14 27.37
C LEU C 185 -0.35 0.39 26.51
N ASN C 186 -0.96 -0.49 25.73
CA ASN C 186 -1.97 -0.15 24.70
C ASN C 186 -1.49 1.02 23.85
N ILE C 187 -0.24 1.01 23.40
CA ILE C 187 0.27 2.00 22.41
C ILE C 187 0.42 1.24 21.07
N SER C 188 0.51 1.93 19.92
CA SER C 188 0.81 1.29 18.62
C SER C 188 1.92 0.23 18.75
N VAL C 189 1.84 -0.83 17.96
CA VAL C 189 2.99 -1.75 17.78
C VAL C 189 4.13 -0.99 17.06
N LYS C 190 3.83 -0.15 16.07
CA LYS C 190 4.88 0.54 15.26
C LYS C 190 5.91 1.27 16.16
N ASP C 191 5.52 1.67 17.36
CA ASP C 191 6.31 2.57 18.23
C ASP C 191 6.97 1.79 19.36
N VAL C 192 6.64 0.49 19.50
CA VAL C 192 7.37 -0.45 20.39
C VAL C 192 8.57 -1.01 19.62
N THR C 193 9.76 -0.97 20.25
CA THR C 193 11.06 -1.56 19.81
C THR C 193 11.45 -2.70 20.76
N GLY C 194 12.15 -3.69 20.24
CA GLY C 194 12.54 -4.93 20.94
C GLY C 194 13.89 -5.40 20.42
N PHE C 195 14.52 -6.36 21.10
CA PHE C 195 15.85 -6.88 20.71
C PHE C 195 16.12 -8.16 21.51
N VAL C 196 16.14 -9.32 20.82
CA VAL C 196 16.43 -10.66 21.41
C VAL C 196 17.61 -11.31 20.69
N LEU C 197 18.67 -11.63 21.45
CA LEU C 197 19.90 -12.32 20.98
C LEU C 197 19.90 -13.74 21.54
N GLY C 198 20.30 -14.72 20.73
CA GLY C 198 20.36 -16.14 21.13
C GLY C 198 19.30 -16.99 20.45
N GLY C 199 19.30 -18.29 20.77
CA GLY C 199 18.52 -19.33 20.06
C GLY C 199 17.02 -19.12 20.16
N HIS C 200 16.25 -20.13 19.76
CA HIS C 200 14.77 -20.14 19.69
C HIS C 200 14.22 -20.96 20.86
N GLY C 201 13.69 -20.28 21.88
CA GLY C 201 13.06 -20.88 23.07
C GLY C 201 13.62 -20.31 24.35
N ASP C 202 14.01 -21.17 25.29
CA ASP C 202 14.71 -20.78 26.55
C ASP C 202 16.18 -20.43 26.23
N ASP C 203 16.51 -20.31 24.94
CA ASP C 203 17.86 -19.89 24.46
C ASP C 203 17.89 -18.38 24.21
N MET C 204 16.74 -17.69 24.31
CA MET C 204 16.61 -16.27 23.92
C MET C 204 17.12 -15.33 25.03
N VAL C 205 17.91 -14.29 24.66
CA VAL C 205 18.47 -13.26 25.57
C VAL C 205 18.12 -11.88 25.00
N PRO C 206 16.83 -11.48 25.08
CA PRO C 206 16.40 -10.14 24.71
C PRO C 206 16.84 -9.09 25.74
N LEU C 207 17.35 -7.93 25.28
CA LEU C 207 17.83 -6.84 26.16
C LEU C 207 16.66 -5.87 26.40
N VAL C 208 16.15 -5.85 27.64
CA VAL C 208 14.99 -5.00 28.04
C VAL C 208 15.50 -3.54 28.11
N ARG C 209 16.81 -3.34 28.19
CA ARG C 209 17.42 -1.98 28.23
C ARG C 209 17.67 -1.45 26.80
N TYR C 210 17.59 -2.29 25.76
CA TYR C 210 17.52 -1.89 24.33
C TYR C 210 16.13 -2.19 23.75
N SER C 211 15.10 -2.11 24.61
CA SER C 211 13.66 -2.01 24.26
C SER C 211 13.07 -0.72 24.86
N TYR C 212 12.11 -0.11 24.15
CA TYR C 212 11.52 1.22 24.46
C TYR C 212 10.04 1.21 24.05
N ALA C 213 9.32 2.24 24.46
CA ALA C 213 7.94 2.55 23.99
C ALA C 213 7.83 4.06 23.74
N GLY C 214 7.82 4.46 22.45
CA GLY C 214 7.99 5.86 22.02
C GLY C 214 9.43 6.34 22.09
N GLY C 215 10.37 5.41 22.31
CA GLY C 215 11.81 5.73 22.48
C GLY C 215 12.23 5.79 23.94
N ILE C 216 11.26 5.68 24.86
CA ILE C 216 11.43 5.89 26.33
C ILE C 216 11.54 4.51 26.97
N PRO C 217 12.67 4.17 27.66
CA PRO C 217 12.95 2.79 28.02
C PRO C 217 11.78 2.14 28.81
N LEU C 218 11.39 0.90 28.44
CA LEU C 218 10.29 0.10 29.08
C LEU C 218 10.52 -0.03 30.59
N GLU C 219 11.79 -0.12 31.01
CA GLU C 219 12.16 -0.21 32.44
C GLU C 219 11.48 0.94 33.18
N LYS C 220 11.37 2.09 32.52
CA LYS C 220 10.71 3.34 33.02
C LYS C 220 9.17 3.24 32.92
N LEU C 221 8.61 2.37 32.06
CA LEU C 221 7.15 2.33 31.78
C LEU C 221 6.48 1.11 32.43
N ILE C 222 7.23 0.11 32.89
CA ILE C 222 6.64 -1.21 33.32
C ILE C 222 7.50 -1.79 34.43
N PRO C 223 6.90 -2.16 35.59
CA PRO C 223 7.66 -2.63 36.75
C PRO C 223 8.22 -4.02 36.46
N LYS C 224 9.12 -4.52 37.31
CA LYS C 224 9.97 -5.72 37.05
C LYS C 224 9.13 -7.01 37.04
N ASP C 225 8.05 -7.08 37.81
CA ASP C 225 7.25 -8.35 37.92
C ASP C 225 6.43 -8.54 36.63
N ARG C 226 6.03 -7.46 35.94
CA ARG C 226 5.22 -7.55 34.69
C ARG C 226 6.16 -7.55 33.48
N LEU C 227 7.30 -6.86 33.54
CA LEU C 227 8.36 -6.94 32.50
C LEU C 227 8.91 -8.37 32.41
N ASP C 228 9.29 -8.96 33.56
CA ASP C 228 9.75 -10.37 33.68
C ASP C 228 8.76 -11.29 32.98
N ALA C 229 7.46 -10.97 33.09
CA ALA C 229 6.32 -11.77 32.57
C ALA C 229 6.32 -11.71 31.03
N ILE C 230 6.66 -10.55 30.46
CA ILE C 230 6.70 -10.33 28.99
C ILE C 230 7.90 -11.09 28.40
N VAL C 231 9.06 -11.04 29.08
CA VAL C 231 10.31 -11.80 28.73
C VAL C 231 9.96 -13.28 28.80
N GLU C 232 9.34 -13.69 29.90
CA GLU C 232 8.83 -15.08 30.08
C GLU C 232 7.90 -15.45 28.93
N ARG C 233 6.87 -14.66 28.65
CA ARG C 233 5.88 -15.01 27.60
C ARG C 233 6.54 -15.00 26.21
N THR C 234 7.47 -14.07 25.96
CA THR C 234 8.31 -14.08 24.73
C THR C 234 8.97 -15.46 24.63
N ARG C 235 9.54 -15.98 25.72
CA ARG C 235 10.37 -17.25 25.69
C ARG C 235 9.50 -18.43 25.27
N LYS C 236 8.29 -18.50 25.82
CA LYS C 236 7.33 -19.60 25.60
C LYS C 236 6.53 -19.32 24.33
N GLY C 237 6.44 -18.05 23.92
CA GLY C 237 5.85 -17.60 22.63
C GLY C 237 5.52 -18.76 21.69
N GLY C 238 6.51 -19.54 21.27
CA GLY C 238 6.35 -20.60 20.25
C GLY C 238 5.42 -21.71 20.73
N GLY C 239 5.60 -22.11 21.98
CA GLY C 239 4.84 -23.18 22.67
C GLY C 239 3.42 -22.73 22.98
N GLU C 240 3.21 -21.46 23.36
CA GLU C 240 1.84 -20.88 23.57
C GLU C 240 1.02 -21.10 22.30
N ILE C 241 1.66 -20.89 21.15
CA ILE C 241 1.04 -21.05 19.80
C ILE C 241 0.80 -22.53 19.57
N VAL C 242 1.79 -23.40 19.81
CA VAL C 242 1.61 -24.86 19.63
C VAL C 242 0.45 -25.30 20.53
N ASN C 243 0.40 -24.79 21.76
CA ASN C 243 -0.40 -25.35 22.88
C ASN C 243 -1.90 -25.05 22.66
N LEU C 244 -2.20 -23.94 21.97
CA LEU C 244 -3.59 -23.51 21.61
C LEU C 244 -4.04 -24.23 20.34
N LEU C 245 -3.14 -24.30 19.36
CA LEU C 245 -3.48 -24.82 18.01
C LEU C 245 -3.89 -26.29 18.14
N GLY C 246 -3.02 -27.12 18.75
CA GLY C 246 -3.33 -28.53 19.06
C GLY C 246 -2.56 -29.51 18.20
N ASN C 247 -2.31 -29.20 16.92
CA ASN C 247 -1.63 -30.12 15.96
C ASN C 247 -0.81 -29.36 14.90
N GLY C 248 -0.43 -28.10 15.13
CA GLY C 248 0.65 -27.41 14.37
C GLY C 248 1.31 -26.31 15.18
N SER C 249 2.24 -25.56 14.54
CA SER C 249 2.91 -24.33 15.09
C SER C 249 2.53 -23.06 14.29
N ALA C 250 3.23 -21.95 14.59
CA ALA C 250 2.96 -20.56 14.15
C ALA C 250 3.21 -20.41 12.64
N TYR C 251 2.35 -19.73 11.91
CA TYR C 251 2.65 -19.46 10.48
C TYR C 251 2.43 -17.97 10.12
N TYR C 252 1.55 -17.21 10.79
CA TYR C 252 1.25 -15.81 10.35
C TYR C 252 2.35 -14.83 10.74
N ALA C 253 2.83 -14.88 11.99
CA ALA C 253 3.94 -14.02 12.46
C ALA C 253 5.26 -14.51 11.87
N PRO C 254 5.48 -15.85 11.75
CA PRO C 254 6.66 -16.37 11.04
C PRO C 254 6.83 -15.99 9.57
N ALA C 255 5.74 -15.82 8.81
CA ALA C 255 5.75 -15.59 7.35
C ALA C 255 6.05 -14.13 7.10
N ALA C 256 5.46 -13.27 7.91
CA ALA C 256 5.66 -11.81 7.93
C ALA C 256 7.13 -11.51 8.27
N SER C 257 7.65 -12.16 9.32
CA SER C 257 9.06 -12.04 9.77
C SER C 257 10.00 -12.37 8.61
N LEU C 258 9.82 -13.52 7.94
CA LEU C 258 10.57 -13.92 6.70
C LEU C 258 10.48 -12.82 5.65
N VAL C 259 9.26 -12.40 5.31
CA VAL C 259 8.98 -11.38 4.25
C VAL C 259 9.74 -10.08 4.52
N GLU C 260 9.70 -9.56 5.75
CA GLU C 260 10.44 -8.35 6.14
C GLU C 260 11.91 -8.57 5.75
N MET C 261 12.45 -9.76 6.00
CA MET C 261 13.88 -10.07 5.75
C MET C 261 14.08 -10.21 4.23
N VAL C 262 13.16 -10.86 3.50
CA VAL C 262 13.17 -10.86 2.01
C VAL C 262 13.27 -9.41 1.52
N GLU C 263 12.45 -8.52 2.08
CA GLU C 263 12.20 -7.16 1.49
C GLU C 263 13.47 -6.31 1.68
N ALA C 264 14.13 -6.45 2.82
CA ALA C 264 15.41 -5.80 3.18
C ALA C 264 16.46 -6.09 2.09
N ILE C 265 16.53 -7.34 1.61
CA ILE C 265 17.55 -7.78 0.62
C ILE C 265 17.12 -7.34 -0.78
N LEU C 266 15.85 -7.56 -1.10
CA LEU C 266 15.27 -7.29 -2.45
C LEU C 266 15.19 -5.79 -2.72
N LYS C 267 15.11 -4.96 -1.68
CA LYS C 267 15.03 -3.49 -1.84
C LYS C 267 16.25 -2.80 -1.22
N ASP C 268 17.33 -3.53 -0.95
CA ASP C 268 18.58 -2.90 -0.44
C ASP C 268 18.22 -1.94 0.70
N GLN C 269 17.38 -2.39 1.65
CA GLN C 269 16.73 -1.48 2.62
C GLN C 269 17.75 -1.09 3.68
N ARG C 270 18.65 -2.03 3.99
CA ARG C 270 19.75 -1.86 4.98
C ARG C 270 19.13 -1.65 6.37
N ARG C 271 18.40 -2.66 6.82
CA ARG C 271 17.72 -2.70 8.15
C ARG C 271 18.68 -3.24 9.21
N ILE C 272 18.50 -2.84 10.48
CA ILE C 272 19.16 -3.44 11.67
C ILE C 272 18.15 -4.38 12.33
N LEU C 273 18.17 -5.64 11.90
CA LEU C 273 17.21 -6.70 12.32
C LEU C 273 17.97 -7.73 13.15
N PRO C 274 17.35 -8.32 14.20
CA PRO C 274 17.88 -9.52 14.84
C PRO C 274 17.75 -10.67 13.83
N ALA C 275 18.80 -11.46 13.61
CA ALA C 275 18.89 -12.50 12.54
C ALA C 275 19.95 -13.55 12.90
N ILE C 276 19.76 -14.81 12.49
CA ILE C 276 20.79 -15.87 12.75
C ILE C 276 21.89 -15.75 11.69
N ALA C 277 23.14 -15.59 12.15
CA ALA C 277 24.30 -15.11 11.38
C ALA C 277 25.57 -15.89 11.78
N TYR C 278 26.41 -16.27 10.81
CA TYR C 278 27.63 -17.09 11.07
C TYR C 278 28.75 -16.22 11.64
N LEU C 279 28.96 -16.34 12.95
CA LEU C 279 29.97 -15.58 13.71
C LEU C 279 31.34 -16.15 13.35
N GLU C 280 32.37 -15.30 13.21
CA GLU C 280 33.76 -15.73 12.90
C GLU C 280 34.74 -15.04 13.86
N GLY C 281 34.27 -14.70 15.05
CA GLY C 281 35.00 -13.83 16.00
C GLY C 281 34.02 -13.08 16.88
N GLU C 282 32.98 -12.49 16.25
CA GLU C 282 31.90 -11.64 16.82
C GLU C 282 31.50 -12.09 18.24
N TYR C 283 31.50 -11.15 19.20
CA TYR C 283 31.12 -11.37 20.62
C TYR C 283 32.07 -12.40 21.27
N GLY C 284 33.26 -12.63 20.70
CA GLY C 284 34.19 -13.68 21.17
C GLY C 284 33.60 -15.09 21.02
N TYR C 285 32.73 -15.28 20.03
CA TYR C 285 32.20 -16.60 19.58
C TYR C 285 32.53 -16.78 18.09
N GLU C 286 32.63 -18.03 17.61
CA GLU C 286 32.82 -18.34 16.17
C GLU C 286 32.56 -19.83 15.86
N GLY C 287 32.49 -20.14 14.57
CA GLY C 287 32.25 -21.48 14.02
C GLY C 287 30.80 -21.92 14.19
N ILE C 288 29.92 -20.96 14.51
CA ILE C 288 28.51 -21.20 14.93
C ILE C 288 27.61 -20.10 14.33
N TYR C 289 26.39 -20.47 13.93
CA TYR C 289 25.24 -19.55 13.74
C TYR C 289 24.61 -19.28 15.12
N LEU C 290 23.98 -18.12 15.27
CA LEU C 290 23.36 -17.58 16.52
C LEU C 290 22.64 -16.28 16.16
N GLY C 291 21.51 -15.98 16.83
CA GLY C 291 20.79 -14.71 16.67
C GLY C 291 21.61 -13.55 17.23
N VAL C 292 21.96 -12.57 16.38
CA VAL C 292 22.74 -11.36 16.77
C VAL C 292 22.20 -10.16 15.99
N PRO C 293 22.48 -8.93 16.46
CA PRO C 293 22.13 -7.74 15.70
C PRO C 293 22.94 -7.78 14.39
N THR C 294 22.34 -7.33 13.30
CA THR C 294 22.94 -7.35 11.95
C THR C 294 22.48 -6.13 11.16
N ILE C 295 23.20 -5.79 10.10
CA ILE C 295 22.70 -4.92 9.00
C ILE C 295 22.20 -5.89 7.91
N LEU C 296 20.89 -5.87 7.61
CA LEU C 296 20.29 -6.69 6.54
C LEU C 296 19.84 -5.80 5.37
N GLY C 297 20.36 -6.08 4.16
CA GLY C 297 20.23 -5.28 2.93
C GLY C 297 20.78 -6.01 1.70
N GLY C 298 21.10 -5.26 0.65
CA GLY C 298 21.37 -5.80 -0.71
C GLY C 298 22.29 -7.02 -0.72
N ASN C 299 23.38 -7.01 0.07
CA ASN C 299 24.46 -8.06 0.13
C ASN C 299 24.20 -9.01 1.32
N GLY C 300 22.93 -9.13 1.72
CA GLY C 300 22.47 -10.08 2.76
C GLY C 300 22.77 -9.55 4.14
N ILE C 301 23.47 -10.33 4.98
CA ILE C 301 24.07 -9.86 6.25
C ILE C 301 25.40 -9.18 5.91
N GLU C 302 25.46 -7.86 6.06
CA GLU C 302 26.54 -6.99 5.56
C GLU C 302 27.63 -6.95 6.63
N LYS C 303 27.20 -7.16 7.87
CA LYS C 303 27.97 -7.04 9.13
C LYS C 303 26.99 -7.47 10.22
N VAL C 304 27.51 -8.09 11.29
CA VAL C 304 26.85 -8.33 12.62
C VAL C 304 27.34 -7.24 13.58
N ILE C 305 26.47 -6.67 14.41
CA ILE C 305 26.82 -5.51 15.29
C ILE C 305 27.11 -6.02 16.70
N GLU C 306 28.23 -5.58 17.27
CA GLU C 306 28.74 -5.98 18.60
C GLU C 306 28.22 -5.00 19.66
N LEU C 307 27.06 -5.29 20.24
CA LEU C 307 26.58 -4.61 21.47
C LEU C 307 27.52 -5.04 22.59
N GLU C 308 28.14 -4.08 23.26
CA GLU C 308 28.81 -4.33 24.55
C GLU C 308 27.67 -4.50 25.57
N LEU C 309 27.73 -5.53 26.42
CA LEU C 309 26.59 -6.15 27.18
C LEU C 309 26.89 -6.16 28.69
N THR C 310 25.85 -6.05 29.53
CA THR C 310 25.95 -6.22 31.00
C THR C 310 26.49 -7.61 31.32
N GLU C 311 27.17 -7.73 32.45
CA GLU C 311 27.87 -8.94 32.93
C GLU C 311 26.93 -10.15 32.89
N GLU C 312 25.63 -9.95 33.14
CA GLU C 312 24.61 -11.04 33.18
C GLU C 312 23.99 -11.29 31.80
N GLU C 313 24.15 -10.40 30.82
CA GLU C 313 23.70 -10.59 29.42
C GLU C 313 24.72 -11.47 28.66
N LYS C 314 26.02 -11.28 28.92
CA LYS C 314 27.15 -12.07 28.35
C LYS C 314 27.10 -13.52 28.86
N ALA C 315 26.95 -13.67 30.19
CA ALA C 315 26.86 -14.94 30.95
C ALA C 315 25.62 -15.71 30.50
N ALA C 316 24.52 -14.99 30.22
CA ALA C 316 23.21 -15.47 29.74
C ALA C 316 23.24 -15.81 28.24
N LEU C 317 23.96 -15.02 27.41
CA LEU C 317 24.16 -15.28 25.96
C LEU C 317 24.91 -16.60 25.79
N ALA C 318 25.79 -16.88 26.75
CA ALA C 318 26.72 -18.03 26.79
C ALA C 318 25.92 -19.30 27.09
N LYS C 319 25.05 -19.24 28.12
CA LYS C 319 24.09 -20.31 28.50
C LYS C 319 23.18 -20.64 27.31
N SER C 320 22.89 -19.67 26.43
CA SER C 320 22.10 -19.84 25.18
C SER C 320 22.97 -20.51 24.11
N VAL C 321 24.16 -19.96 23.81
CA VAL C 321 25.12 -20.58 22.85
C VAL C 321 25.39 -22.02 23.29
N GLU C 322 25.83 -22.23 24.53
CA GLU C 322 26.39 -23.53 25.01
C GLU C 322 25.39 -24.66 24.77
N SER C 323 24.09 -24.37 24.88
CA SER C 323 22.97 -25.23 24.41
C SER C 323 23.02 -25.34 22.88
N VAL C 324 22.94 -24.21 22.17
CA VAL C 324 22.99 -24.11 20.67
C VAL C 324 24.07 -25.05 20.12
N LYS C 325 25.31 -24.93 20.62
CA LYS C 325 26.49 -25.73 20.19
C LYS C 325 26.15 -27.22 20.23
N ASN C 326 25.54 -27.67 21.34
CA ASN C 326 25.16 -29.09 21.56
C ASN C 326 24.37 -29.55 20.33
N VAL C 327 23.31 -28.81 19.94
CA VAL C 327 22.39 -29.15 18.80
C VAL C 327 23.25 -29.46 17.57
N MET C 328 24.41 -28.80 17.42
CA MET C 328 25.33 -28.98 16.25
C MET C 328 26.24 -30.20 16.49
N ARG C 329 26.26 -30.71 17.73
CA ARG C 329 26.89 -32.01 18.10
C ARG C 329 25.77 -33.07 18.13
N MET C 330 24.61 -32.74 17.57
CA MET C 330 23.50 -33.68 17.25
C MET C 330 23.49 -33.98 15.74
N LEU C 331 24.40 -33.35 14.98
CA LEU C 331 24.33 -33.24 13.50
C LEU C 331 25.08 -34.41 12.86
N GLU C 332 24.98 -34.56 11.53
CA GLU C 332 25.49 -35.69 10.72
C GLU C 332 24.89 -37.03 11.21
N ALA D 22 -15.30 10.21 20.16
CA ALA D 22 -14.32 9.09 19.93
C ALA D 22 -14.36 8.65 18.47
N MET D 23 -13.23 8.74 17.77
CA MET D 23 -12.99 8.02 16.49
C MET D 23 -12.67 6.59 16.90
N LYS D 24 -13.39 5.62 16.34
CA LYS D 24 -13.19 4.17 16.61
C LYS D 24 -12.90 3.50 15.27
N ARG D 25 -12.15 2.41 15.31
CA ARG D 25 -11.87 1.57 14.12
C ARG D 25 -13.13 0.77 13.82
N LYS D 26 -13.33 0.45 12.55
CA LYS D 26 -14.34 -0.54 12.12
C LYS D 26 -14.06 -1.87 12.83
N LYS D 27 -15.14 -2.58 13.14
CA LYS D 27 -15.10 -3.92 13.76
C LYS D 27 -15.63 -4.93 12.73
N ILE D 28 -14.83 -5.96 12.42
CA ILE D 28 -15.27 -7.07 11.51
C ILE D 28 -15.22 -8.38 12.30
N SER D 29 -16.21 -9.24 12.09
CA SER D 29 -16.33 -10.58 12.71
C SER D 29 -16.31 -11.59 11.58
N VAL D 30 -15.38 -12.55 11.65
CA VAL D 30 -15.20 -13.61 10.64
C VAL D 30 -15.63 -14.95 11.26
N ILE D 31 -16.94 -15.25 11.18
CA ILE D 31 -17.55 -16.57 11.57
C ILE D 31 -16.77 -17.69 10.87
N GLY D 32 -16.38 -18.71 11.62
CA GLY D 32 -15.63 -19.88 11.11
C GLY D 32 -14.17 -19.52 10.95
N ALA D 33 -13.27 -20.22 11.64
CA ALA D 33 -11.82 -19.91 11.74
C ALA D 33 -11.01 -20.93 10.96
N GLY D 34 -11.63 -21.55 9.95
CA GLY D 34 -10.98 -22.49 9.02
C GLY D 34 -10.11 -21.69 8.06
N PHE D 35 -9.67 -22.33 6.99
CA PHE D 35 -8.76 -21.88 5.92
C PHE D 35 -9.23 -20.56 5.32
N THR D 36 -10.53 -20.39 5.06
CA THR D 36 -11.06 -19.16 4.46
C THR D 36 -11.20 -18.04 5.50
N GLY D 37 -11.68 -18.36 6.70
CA GLY D 37 -12.03 -17.38 7.73
C GLY D 37 -10.77 -16.80 8.37
N ALA D 38 -9.81 -17.64 8.74
CA ALA D 38 -8.42 -17.23 9.11
C ALA D 38 -7.90 -16.26 8.04
N THR D 39 -7.67 -16.76 6.83
CA THR D 39 -7.06 -16.02 5.69
C THR D 39 -7.68 -14.63 5.55
N THR D 40 -9.02 -14.58 5.57
CA THR D 40 -9.83 -13.35 5.51
C THR D 40 -9.41 -12.47 6.67
N ALA D 41 -9.43 -13.00 7.91
CA ALA D 41 -8.98 -12.29 9.13
C ALA D 41 -7.55 -11.77 8.93
N PHE D 42 -6.66 -12.55 8.31
CA PHE D 42 -5.26 -12.07 8.15
C PHE D 42 -5.24 -10.87 7.16
N LEU D 43 -5.85 -10.97 5.95
CA LEU D 43 -5.86 -9.91 4.89
C LEU D 43 -6.49 -8.61 5.46
N LEU D 44 -7.63 -8.73 6.13
CA LEU D 44 -8.34 -7.57 6.73
C LEU D 44 -7.37 -6.86 7.70
N ALA D 45 -6.92 -7.56 8.76
CA ALA D 45 -5.89 -7.07 9.69
C ALA D 45 -4.89 -6.23 8.89
N GLN D 46 -4.22 -6.88 7.95
CA GLN D 46 -3.07 -6.32 7.20
C GLN D 46 -3.44 -4.96 6.56
N LYS D 47 -4.68 -4.81 6.07
CA LYS D 47 -5.09 -3.59 5.33
C LYS D 47 -5.53 -2.49 6.33
N GLU D 48 -5.45 -2.73 7.65
CA GLU D 48 -5.93 -1.79 8.70
C GLU D 48 -7.37 -1.38 8.40
N LEU D 49 -8.19 -2.33 7.96
CA LEU D 49 -9.64 -2.11 7.65
C LEU D 49 -10.46 -2.22 8.94
N GLY D 50 -9.83 -2.65 10.05
CA GLY D 50 -10.43 -2.55 11.39
C GLY D 50 -9.89 -3.56 12.39
N ASP D 51 -10.67 -3.84 13.42
CA ASP D 51 -10.42 -4.91 14.38
C ASP D 51 -11.20 -6.13 13.93
N VAL D 52 -10.59 -7.30 14.11
CA VAL D 52 -11.01 -8.59 13.51
C VAL D 52 -11.17 -9.59 14.65
N VAL D 53 -12.35 -10.21 14.69
CA VAL D 53 -12.82 -11.22 15.68
C VAL D 53 -13.04 -12.54 14.94
N LEU D 54 -12.17 -13.53 15.18
CA LEU D 54 -12.20 -14.86 14.52
C LEU D 54 -12.94 -15.85 15.44
N VAL D 55 -14.00 -16.45 14.89
CA VAL D 55 -15.13 -17.03 15.65
C VAL D 55 -15.35 -18.45 15.12
N ASP D 56 -15.12 -19.44 15.97
CA ASP D 56 -15.45 -20.85 15.66
C ASP D 56 -16.30 -21.39 16.80
N ILE D 57 -16.47 -22.72 16.82
CA ILE D 57 -17.23 -23.51 17.84
C ILE D 57 -16.31 -23.65 19.05
N PRO D 58 -16.88 -23.80 20.28
CA PRO D 58 -16.08 -23.86 21.51
C PRO D 58 -14.95 -24.90 21.41
N GLN D 59 -15.29 -26.06 20.84
CA GLN D 59 -14.35 -27.18 20.58
C GLN D 59 -13.12 -26.64 19.81
N LEU D 60 -13.25 -25.64 18.94
CA LEU D 60 -12.06 -25.06 18.26
C LEU D 60 -11.84 -23.62 18.72
N GLU D 61 -12.09 -23.32 19.99
CA GLU D 61 -11.75 -21.98 20.55
C GLU D 61 -10.22 -21.87 20.72
N ASN D 62 -9.59 -22.86 21.36
CA ASN D 62 -8.11 -22.84 21.62
C ASN D 62 -7.38 -22.53 20.31
N PRO D 63 -7.58 -23.34 19.23
CA PRO D 63 -6.92 -23.11 17.94
C PRO D 63 -7.27 -21.76 17.29
N THR D 64 -8.52 -21.33 17.44
CA THR D 64 -9.01 -20.01 16.95
C THR D 64 -8.26 -18.87 17.66
N LYS D 65 -8.13 -18.89 19.01
CA LYS D 65 -7.30 -17.89 19.76
C LYS D 65 -5.82 -17.99 19.31
N GLY D 66 -5.35 -19.18 18.94
CA GLY D 66 -3.95 -19.44 18.55
C GLY D 66 -3.63 -18.85 17.18
N LYS D 67 -4.64 -18.78 16.30
CA LYS D 67 -4.59 -18.08 14.99
C LYS D 67 -4.61 -16.55 15.21
N ALA D 68 -5.52 -16.06 16.05
CA ALA D 68 -5.74 -14.61 16.28
C ALA D 68 -4.46 -14.01 16.86
N LEU D 69 -3.84 -14.73 17.81
CA LEU D 69 -2.58 -14.29 18.46
C LEU D 69 -1.42 -14.32 17.46
N ASP D 70 -1.26 -15.43 16.78
CA ASP D 70 -0.30 -15.62 15.65
C ASP D 70 -0.43 -14.46 14.64
N MET D 71 -1.62 -14.27 14.03
CA MET D 71 -1.99 -13.08 13.20
C MET D 71 -1.49 -11.79 13.88
N LEU D 72 -1.90 -11.55 15.13
CA LEU D 72 -1.59 -10.31 15.90
C LEU D 72 -0.07 -10.20 16.10
N GLU D 73 0.61 -11.32 16.33
CA GLU D 73 2.08 -11.39 16.48
C GLU D 73 2.82 -11.03 15.18
N ALA D 74 2.12 -10.95 14.05
CA ALA D 74 2.69 -10.56 12.73
C ALA D 74 2.79 -9.03 12.59
N SER D 75 2.02 -8.29 13.40
CA SER D 75 1.67 -6.85 13.17
C SER D 75 2.84 -5.89 13.43
N PRO D 76 3.82 -6.24 14.30
CA PRO D 76 5.02 -5.43 14.46
C PRO D 76 5.87 -5.50 13.19
N VAL D 77 5.72 -6.57 12.39
CA VAL D 77 6.59 -6.90 11.22
C VAL D 77 6.01 -6.26 9.96
N LEU D 78 4.74 -6.54 9.62
CA LEU D 78 4.08 -6.01 8.41
C LEU D 78 3.77 -4.53 8.64
N GLY D 79 3.50 -4.12 9.89
CA GLY D 79 3.44 -2.70 10.31
C GLY D 79 2.02 -2.17 10.26
N PHE D 80 1.06 -2.96 10.75
CA PHE D 80 -0.37 -2.60 10.92
C PHE D 80 -0.72 -2.64 12.40
N ASP D 81 -1.64 -1.77 12.84
CA ASP D 81 -2.34 -1.81 14.14
C ASP D 81 -3.78 -2.30 13.88
N ALA D 82 -4.01 -3.60 13.99
CA ALA D 82 -5.36 -4.21 14.03
C ALA D 82 -5.39 -5.05 15.30
N ASN D 83 -6.50 -5.04 16.04
CA ASN D 83 -6.73 -5.97 17.19
C ASN D 83 -7.45 -7.19 16.65
N ILE D 84 -6.83 -8.38 16.78
CA ILE D 84 -7.40 -9.71 16.40
C ILE D 84 -7.51 -10.57 17.68
N ILE D 85 -8.70 -11.08 18.01
CA ILE D 85 -8.83 -12.13 19.07
C ILE D 85 -9.73 -13.25 18.55
N GLY D 86 -9.66 -14.39 19.24
CA GLY D 86 -10.36 -15.65 18.92
C GLY D 86 -11.42 -15.94 19.97
N THR D 87 -12.62 -16.28 19.54
CA THR D 87 -13.71 -16.64 20.50
C THR D 87 -14.62 -17.72 19.90
N SER D 88 -15.27 -18.46 20.79
CA SER D 88 -16.46 -19.27 20.51
C SER D 88 -17.71 -18.43 20.81
N ASP D 89 -17.55 -17.39 21.62
CA ASP D 89 -18.62 -16.60 22.29
C ASP D 89 -19.03 -15.44 21.37
N TYR D 90 -20.30 -15.32 20.99
CA TYR D 90 -20.78 -14.24 20.08
C TYR D 90 -20.75 -12.87 20.76
N ALA D 91 -20.35 -12.76 22.03
CA ALA D 91 -20.41 -11.51 22.83
C ALA D 91 -19.32 -10.54 22.36
N ASP D 92 -18.19 -11.07 21.91
CA ASP D 92 -17.03 -10.29 21.42
C ASP D 92 -17.26 -9.86 19.96
N THR D 93 -18.47 -10.07 19.41
CA THR D 93 -18.89 -9.64 18.04
C THR D 93 -19.81 -8.41 18.14
N ALA D 94 -20.01 -7.92 19.39
CA ALA D 94 -20.99 -6.88 19.73
C ALA D 94 -20.71 -5.64 18.90
N ASP D 95 -21.76 -5.08 18.30
CA ASP D 95 -21.74 -3.77 17.57
C ASP D 95 -20.75 -3.89 16.40
N SER D 96 -20.64 -5.07 15.77
CA SER D 96 -19.84 -5.31 14.54
C SER D 96 -20.52 -4.60 13.36
N ASP D 97 -19.71 -3.97 12.51
CA ASP D 97 -20.10 -3.22 11.28
C ASP D 97 -20.29 -4.23 10.12
N ILE D 98 -19.37 -5.17 9.96
CA ILE D 98 -19.50 -6.23 8.95
C ILE D 98 -19.25 -7.57 9.64
N VAL D 99 -20.06 -8.56 9.29
CA VAL D 99 -19.82 -9.95 9.75
C VAL D 99 -19.68 -10.77 8.49
N VAL D 100 -18.57 -11.55 8.36
CA VAL D 100 -18.31 -12.41 7.17
C VAL D 100 -18.53 -13.90 7.49
N ILE D 101 -19.66 -14.47 7.04
CA ILE D 101 -20.08 -15.84 7.43
C ILE D 101 -19.50 -16.84 6.42
N THR D 102 -18.49 -17.59 6.87
CA THR D 102 -17.76 -18.67 6.18
C THR D 102 -18.09 -19.98 6.92
N ALA D 103 -18.57 -19.92 8.17
CA ALA D 103 -18.82 -21.10 9.03
C ALA D 103 -19.70 -22.09 8.28
N GLY D 104 -19.29 -23.34 8.20
CA GLY D 104 -20.00 -24.41 7.50
C GLY D 104 -19.28 -25.76 7.59
N ILE D 105 -19.93 -26.82 7.13
CA ILE D 105 -19.31 -28.17 7.02
C ILE D 105 -19.13 -28.47 5.53
N ALA D 106 -18.15 -29.30 5.18
CA ALA D 106 -17.89 -29.83 3.81
C ALA D 106 -18.57 -31.19 3.61
N ARG D 107 -18.57 -31.66 2.37
CA ARG D 107 -19.16 -32.95 1.92
C ARG D 107 -18.54 -34.12 2.69
N LYS D 108 -19.37 -34.92 3.36
CA LYS D 108 -18.96 -36.13 4.13
C LYS D 108 -19.47 -37.37 3.39
N PRO D 109 -18.59 -38.34 3.02
CA PRO D 109 -18.99 -39.49 2.20
C PRO D 109 -20.11 -40.37 2.78
N GLY D 110 -21.09 -40.76 1.94
CA GLY D 110 -22.33 -41.43 2.38
C GLY D 110 -23.38 -40.43 2.81
N MET D 111 -23.16 -39.15 2.47
CA MET D 111 -24.10 -38.02 2.69
C MET D 111 -24.44 -37.36 1.34
N SER D 112 -25.73 -37.12 1.12
CA SER D 112 -26.34 -36.65 -0.16
C SER D 112 -26.18 -35.13 -0.34
N ARG D 113 -26.83 -34.56 -1.35
CA ARG D 113 -26.98 -33.08 -1.51
C ARG D 113 -27.81 -32.52 -0.36
N ASP D 114 -28.88 -33.22 0.07
CA ASP D 114 -29.94 -32.67 0.95
C ASP D 114 -29.35 -32.40 2.34
N ASP D 115 -28.39 -33.22 2.78
CA ASP D 115 -27.97 -33.31 4.20
C ASP D 115 -26.81 -32.34 4.48
N LEU D 116 -26.01 -32.01 3.46
CA LEU D 116 -25.04 -30.89 3.53
C LEU D 116 -25.85 -29.60 3.55
N VAL D 117 -26.86 -29.49 2.68
CA VAL D 117 -27.68 -28.26 2.55
C VAL D 117 -28.40 -28.02 3.89
N THR D 118 -29.17 -29.01 4.39
CA THR D 118 -29.93 -28.88 5.68
C THR D 118 -28.96 -28.47 6.80
N THR D 119 -27.93 -29.28 7.02
CA THR D 119 -26.86 -29.14 8.05
C THR D 119 -26.21 -27.74 7.96
N ASN D 120 -25.80 -27.34 6.77
CA ASN D 120 -25.25 -25.96 6.57
C ASN D 120 -26.37 -24.93 6.86
N GLN D 121 -27.57 -25.08 6.30
CA GLN D 121 -28.74 -24.18 6.54
C GLN D 121 -28.86 -24.00 8.07
N LYS D 122 -29.12 -25.10 8.78
CA LYS D 122 -29.06 -25.26 10.26
C LYS D 122 -27.97 -24.34 10.85
N ILE D 123 -26.71 -24.55 10.47
CA ILE D 123 -25.57 -23.68 10.89
C ILE D 123 -25.87 -22.22 10.48
N MET D 124 -26.30 -21.95 9.24
CA MET D 124 -26.60 -20.56 8.81
C MET D 124 -27.58 -19.90 9.79
N LYS D 125 -28.66 -20.60 10.12
CA LYS D 125 -29.74 -20.13 11.02
C LYS D 125 -29.14 -19.91 12.41
N GLN D 126 -28.34 -20.84 12.96
CA GLN D 126 -27.82 -20.77 14.36
C GLN D 126 -26.71 -19.72 14.49
N VAL D 127 -25.92 -19.48 13.43
CA VAL D 127 -24.86 -18.43 13.41
C VAL D 127 -25.52 -17.05 13.45
N THR D 128 -26.61 -16.88 12.68
CA THR D 128 -27.20 -15.58 12.32
C THR D 128 -28.05 -15.04 13.48
N LYS D 129 -28.92 -15.86 14.08
CA LYS D 129 -29.68 -15.46 15.30
C LYS D 129 -28.69 -14.84 16.32
N GLU D 130 -27.46 -15.38 16.48
CA GLU D 130 -26.44 -14.89 17.46
C GLU D 130 -25.63 -13.69 16.93
N VAL D 131 -25.51 -13.50 15.61
CA VAL D 131 -24.78 -12.36 14.95
C VAL D 131 -25.67 -11.11 15.01
N VAL D 132 -26.96 -11.25 14.67
CA VAL D 132 -27.94 -10.11 14.58
C VAL D 132 -28.44 -9.74 15.98
N LYS D 133 -28.26 -10.60 16.98
CA LYS D 133 -28.49 -10.25 18.40
C LYS D 133 -27.45 -9.21 18.82
N TYR D 134 -26.17 -9.52 18.62
CA TYR D 134 -25.05 -8.72 19.19
C TYR D 134 -24.71 -7.54 18.26
N SER D 135 -24.88 -7.69 16.94
CA SER D 135 -24.59 -6.62 15.95
C SER D 135 -25.81 -6.34 15.10
N PRO D 136 -26.78 -5.54 15.60
CA PRO D 136 -28.07 -5.35 14.93
C PRO D 136 -28.02 -4.51 13.65
N ASN D 137 -26.94 -3.76 13.42
CA ASN D 137 -26.77 -2.85 12.25
C ASN D 137 -25.50 -3.22 11.47
N CYS D 138 -25.15 -4.51 11.47
CA CYS D 138 -24.04 -5.10 10.68
C CYS D 138 -24.55 -5.34 9.25
N TYR D 139 -23.65 -5.20 8.27
CA TYR D 139 -23.75 -5.79 6.91
C TYR D 139 -23.15 -7.21 6.98
N ILE D 140 -23.81 -8.21 6.37
CA ILE D 140 -23.36 -9.64 6.40
C ILE D 140 -22.99 -10.07 4.97
N ILE D 141 -21.75 -10.53 4.79
CA ILE D 141 -21.24 -11.17 3.54
C ILE D 141 -21.10 -12.66 3.80
N VAL D 142 -21.79 -13.47 2.99
CA VAL D 142 -21.88 -14.92 3.24
C VAL D 142 -21.06 -15.64 2.16
N LEU D 143 -20.35 -16.69 2.56
CA LEU D 143 -19.51 -17.54 1.69
C LEU D 143 -19.99 -19.00 1.69
N THR D 144 -20.50 -19.49 2.84
CA THR D 144 -20.87 -20.92 3.08
C THR D 144 -21.58 -21.54 1.87
N ASN D 145 -21.03 -22.61 1.28
CA ASN D 145 -21.65 -23.34 0.15
C ASN D 145 -22.81 -24.23 0.65
N PRO D 146 -23.82 -24.52 -0.20
CA PRO D 146 -24.07 -23.77 -1.45
C PRO D 146 -24.53 -22.33 -1.22
N VAL D 147 -23.73 -21.34 -1.61
CA VAL D 147 -23.78 -19.95 -1.04
C VAL D 147 -25.16 -19.35 -1.35
N ASP D 148 -25.72 -19.60 -2.53
CA ASP D 148 -26.88 -18.79 -2.99
C ASP D 148 -28.08 -19.08 -2.06
N ALA D 149 -28.29 -20.35 -1.69
CA ALA D 149 -29.28 -20.80 -0.68
C ALA D 149 -28.83 -20.44 0.73
N MET D 150 -27.52 -20.45 1.02
CA MET D 150 -26.96 -20.23 2.38
C MET D 150 -27.05 -18.74 2.67
N THR D 151 -26.82 -17.93 1.64
CA THR D 151 -27.07 -16.48 1.68
C THR D 151 -28.57 -16.33 1.93
N TYR D 152 -29.42 -17.03 1.16
CA TYR D 152 -30.90 -16.92 1.26
C TYR D 152 -31.36 -17.21 2.70
N THR D 153 -30.87 -18.28 3.34
CA THR D 153 -31.18 -18.65 4.75
C THR D 153 -30.87 -17.42 5.62
N VAL D 154 -29.61 -17.02 5.64
CA VAL D 154 -29.07 -15.88 6.44
C VAL D 154 -30.02 -14.67 6.33
N PHE D 155 -30.48 -14.32 5.13
CA PHE D 155 -31.42 -13.18 4.85
C PHE D 155 -32.80 -13.41 5.49
N LYS D 156 -33.24 -14.65 5.58
CA LYS D 156 -34.55 -14.99 6.18
C LYS D 156 -34.44 -14.92 7.69
N GLU D 157 -33.32 -15.37 8.26
CA GLU D 157 -33.13 -15.52 9.73
C GLU D 157 -32.65 -14.21 10.32
N SER D 158 -31.95 -13.40 9.52
CA SER D 158 -31.38 -12.11 9.96
C SER D 158 -32.54 -11.13 10.18
N GLY D 159 -33.64 -11.28 9.44
CA GLY D 159 -34.72 -10.28 9.34
C GLY D 159 -34.20 -8.89 8.97
N PHE D 160 -33.01 -8.77 8.37
CA PHE D 160 -32.43 -7.47 7.91
C PHE D 160 -32.92 -7.21 6.50
N PRO D 161 -32.95 -5.93 6.04
CA PRO D 161 -33.34 -5.63 4.66
C PRO D 161 -32.31 -6.19 3.68
N LYS D 162 -32.70 -6.33 2.40
CA LYS D 162 -31.95 -7.12 1.38
C LYS D 162 -30.53 -6.54 1.17
N ASN D 163 -30.35 -5.24 1.41
CA ASN D 163 -29.13 -4.46 1.09
C ASN D 163 -28.02 -4.82 2.08
N ARG D 164 -28.41 -5.34 3.26
CA ARG D 164 -27.49 -5.66 4.37
C ARG D 164 -26.98 -7.12 4.24
N VAL D 165 -27.72 -8.01 3.58
CA VAL D 165 -27.26 -9.42 3.40
C VAL D 165 -26.75 -9.63 1.98
N ILE D 166 -25.48 -10.03 1.93
CA ILE D 166 -24.61 -10.15 0.73
C ILE D 166 -23.98 -11.55 0.76
N GLY D 167 -23.77 -12.12 -0.42
CA GLY D 167 -23.00 -13.35 -0.67
C GLY D 167 -21.79 -13.11 -1.55
N GLN D 168 -20.76 -13.93 -1.41
CA GLN D 168 -19.64 -13.87 -2.38
C GLN D 168 -19.79 -15.06 -3.32
N SER D 169 -19.48 -14.88 -4.60
CA SER D 169 -19.31 -15.97 -5.60
C SER D 169 -18.79 -15.42 -6.93
N GLY D 170 -19.36 -14.30 -7.40
CA GLY D 170 -19.04 -13.70 -8.70
C GLY D 170 -17.58 -13.24 -8.76
N VAL D 171 -17.14 -12.48 -7.76
CA VAL D 171 -15.76 -11.90 -7.74
C VAL D 171 -14.78 -13.08 -7.78
N LEU D 172 -15.05 -14.14 -7.02
CA LEU D 172 -14.17 -15.35 -7.00
C LEU D 172 -14.06 -15.87 -8.42
N ASP D 173 -15.21 -16.06 -9.08
CA ASP D 173 -15.29 -16.72 -10.39
C ASP D 173 -14.66 -15.81 -11.46
N THR D 174 -14.95 -14.50 -11.46
CA THR D 174 -14.39 -13.59 -12.47
C THR D 174 -12.88 -13.51 -12.27
N ALA D 175 -12.43 -13.52 -11.01
CA ALA D 175 -10.98 -13.60 -10.69
C ALA D 175 -10.46 -14.83 -11.39
N ARG D 176 -11.16 -15.96 -11.26
CA ARG D 176 -10.70 -17.24 -11.86
C ARG D 176 -10.64 -17.07 -13.40
N PHE D 177 -11.66 -16.42 -13.99
CA PHE D 177 -11.80 -16.12 -15.44
C PHE D 177 -10.67 -15.17 -15.89
N ARG D 178 -10.55 -14.02 -15.21
CA ARG D 178 -9.48 -13.00 -15.47
C ARG D 178 -8.09 -13.66 -15.46
N THR D 179 -7.81 -14.52 -14.47
CA THR D 179 -6.54 -15.27 -14.32
C THR D 179 -6.28 -16.16 -15.56
N PHE D 180 -7.34 -16.69 -16.15
CA PHE D 180 -7.24 -17.64 -17.29
C PHE D 180 -6.98 -16.82 -18.55
N VAL D 181 -7.64 -15.66 -18.67
CA VAL D 181 -7.43 -14.76 -19.83
C VAL D 181 -6.03 -14.16 -19.72
N ALA D 182 -5.68 -13.62 -18.56
CA ALA D 182 -4.31 -13.14 -18.23
C ALA D 182 -3.27 -14.19 -18.69
N GLU D 183 -3.32 -15.43 -18.18
CA GLU D 183 -2.48 -16.56 -18.73
C GLU D 183 -2.52 -16.54 -20.26
N GLU D 184 -3.72 -16.53 -20.85
CA GLU D 184 -3.98 -16.86 -22.28
C GLU D 184 -3.37 -15.80 -23.18
N LEU D 185 -3.43 -14.54 -22.75
CA LEU D 185 -2.96 -13.37 -23.52
C LEU D 185 -1.54 -12.96 -23.08
N ASN D 186 -1.15 -13.20 -21.84
CA ASN D 186 0.16 -12.75 -21.27
C ASN D 186 0.09 -11.24 -21.03
N ILE D 187 -0.91 -10.81 -20.26
CA ILE D 187 -1.11 -9.39 -19.86
C ILE D 187 -1.42 -9.40 -18.37
N SER D 188 -1.25 -8.24 -17.75
CA SER D 188 -1.61 -7.97 -16.34
C SER D 188 -3.10 -8.22 -16.17
N VAL D 189 -3.51 -8.66 -14.99
CA VAL D 189 -4.94 -9.00 -14.70
C VAL D 189 -5.66 -7.70 -14.39
N LYS D 190 -4.91 -6.61 -14.15
CA LYS D 190 -5.51 -5.28 -13.93
C LYS D 190 -6.42 -4.96 -15.11
N ASP D 191 -6.06 -5.36 -16.34
CA ASP D 191 -6.69 -4.86 -17.59
C ASP D 191 -7.67 -5.88 -18.18
N VAL D 192 -7.85 -7.02 -17.52
CA VAL D 192 -8.86 -8.07 -17.84
C VAL D 192 -10.13 -7.77 -17.01
N THR D 193 -11.26 -7.61 -17.69
CA THR D 193 -12.60 -7.39 -17.07
C THR D 193 -13.47 -8.61 -17.37
N GLY D 194 -14.24 -9.05 -16.37
CA GLY D 194 -15.18 -10.18 -16.47
C GLY D 194 -16.53 -9.88 -15.84
N PHE D 195 -17.51 -10.74 -16.03
CA PHE D 195 -18.90 -10.54 -15.55
C PHE D 195 -19.61 -11.91 -15.54
N VAL D 196 -19.97 -12.39 -14.36
CA VAL D 196 -20.60 -13.73 -14.24
C VAL D 196 -21.86 -13.62 -13.38
N LEU D 197 -22.99 -14.05 -13.95
CA LEU D 197 -24.28 -14.21 -13.23
C LEU D 197 -24.39 -15.69 -12.86
N GLY D 198 -25.35 -16.04 -12.00
CA GLY D 198 -25.66 -17.42 -11.59
C GLY D 198 -24.79 -17.88 -10.44
N GLY D 199 -25.08 -19.07 -9.88
CA GLY D 199 -24.41 -19.64 -8.69
C GLY D 199 -22.94 -19.94 -8.92
N HIS D 200 -22.51 -21.19 -8.68
CA HIS D 200 -21.15 -21.70 -8.96
C HIS D 200 -21.20 -22.82 -9.99
N GLY D 201 -20.06 -23.45 -10.28
CA GLY D 201 -19.92 -24.78 -10.91
C GLY D 201 -21.11 -25.16 -11.77
N ASP D 202 -20.92 -25.18 -13.10
CA ASP D 202 -21.94 -25.56 -14.10
C ASP D 202 -23.07 -24.51 -14.14
N ASP D 203 -23.71 -24.22 -13.00
CA ASP D 203 -24.83 -23.25 -12.91
C ASP D 203 -24.26 -21.84 -12.80
N MET D 204 -23.35 -21.51 -13.71
CA MET D 204 -22.53 -20.28 -13.74
C MET D 204 -22.68 -19.68 -15.14
N VAL D 205 -22.97 -18.38 -15.19
CA VAL D 205 -23.27 -17.64 -16.46
C VAL D 205 -22.19 -16.56 -16.60
N PRO D 206 -21.14 -16.83 -17.40
CA PRO D 206 -20.15 -15.81 -17.73
C PRO D 206 -20.53 -15.17 -19.07
N LEU D 207 -20.60 -13.85 -19.14
CA LEU D 207 -20.88 -13.13 -20.42
C LEU D 207 -19.55 -12.76 -21.06
N VAL D 208 -19.11 -13.58 -22.03
CA VAL D 208 -17.93 -13.30 -22.89
C VAL D 208 -18.13 -11.94 -23.56
N ARG D 209 -19.36 -11.54 -23.88
CA ARG D 209 -19.63 -10.26 -24.60
C ARG D 209 -19.35 -9.10 -23.63
N TYR D 210 -19.45 -9.33 -22.32
CA TYR D 210 -19.16 -8.34 -21.24
C TYR D 210 -17.76 -8.54 -20.64
N SER D 211 -16.88 -9.20 -21.38
CA SER D 211 -15.50 -9.52 -20.92
C SER D 211 -14.49 -8.94 -21.92
N TYR D 212 -13.53 -8.16 -21.41
CA TYR D 212 -12.55 -7.37 -22.21
C TYR D 212 -11.12 -7.45 -21.65
N ALA D 213 -10.09 -7.21 -22.49
CA ALA D 213 -8.65 -7.12 -22.14
C ALA D 213 -8.13 -5.72 -22.52
N GLY D 214 -8.30 -4.75 -21.62
CA GLY D 214 -7.91 -3.32 -21.85
C GLY D 214 -8.99 -2.55 -22.57
N GLY D 215 -10.26 -2.93 -22.33
CA GLY D 215 -11.45 -2.42 -23.03
C GLY D 215 -11.77 -3.15 -24.34
N ILE D 216 -10.84 -3.96 -24.89
CA ILE D 216 -11.00 -4.70 -26.20
C ILE D 216 -11.72 -6.03 -25.98
N PRO D 217 -12.87 -6.26 -26.66
CA PRO D 217 -13.63 -7.49 -26.48
C PRO D 217 -12.75 -8.74 -26.65
N LEU D 218 -12.92 -9.72 -25.76
CA LEU D 218 -12.09 -10.94 -25.67
C LEU D 218 -12.37 -11.83 -26.87
N GLU D 219 -13.52 -11.64 -27.51
CA GLU D 219 -13.89 -12.28 -28.79
C GLU D 219 -13.00 -11.77 -29.94
N LYS D 220 -12.47 -10.55 -29.87
CA LYS D 220 -11.59 -10.01 -30.96
C LYS D 220 -10.16 -10.56 -30.81
N LEU D 221 -9.82 -11.16 -29.66
CA LEU D 221 -8.42 -11.53 -29.25
C LEU D 221 -8.19 -13.04 -29.06
N ILE D 222 -9.16 -13.78 -28.48
CA ILE D 222 -9.05 -15.26 -28.23
C ILE D 222 -10.02 -15.93 -29.20
N PRO D 223 -9.59 -16.99 -29.92
CA PRO D 223 -10.50 -17.73 -30.78
C PRO D 223 -11.43 -18.61 -29.93
N LYS D 224 -12.58 -19.01 -30.52
CA LYS D 224 -13.77 -19.54 -29.81
C LYS D 224 -13.45 -20.83 -29.06
N ASP D 225 -12.57 -21.68 -29.60
CA ASP D 225 -12.23 -22.95 -28.89
C ASP D 225 -11.54 -22.51 -27.60
N ARG D 226 -10.46 -21.74 -27.72
CA ARG D 226 -9.66 -21.22 -26.57
C ARG D 226 -10.58 -20.45 -25.59
N LEU D 227 -11.55 -19.67 -26.07
CA LEU D 227 -12.38 -18.76 -25.22
C LEU D 227 -13.49 -19.58 -24.54
N ASP D 228 -14.03 -20.61 -25.20
CA ASP D 228 -15.08 -21.50 -24.62
C ASP D 228 -14.42 -22.36 -23.52
N ALA D 229 -13.27 -22.98 -23.82
CA ALA D 229 -12.53 -23.83 -22.84
C ALA D 229 -12.20 -23.03 -21.57
N ILE D 230 -11.86 -21.75 -21.72
CA ILE D 230 -11.50 -20.82 -20.60
C ILE D 230 -12.74 -20.60 -19.72
N VAL D 231 -13.87 -20.35 -20.39
CA VAL D 231 -15.24 -20.25 -19.82
C VAL D 231 -15.57 -21.57 -19.09
N GLU D 232 -15.17 -22.70 -19.66
CA GLU D 232 -15.38 -24.05 -19.07
C GLU D 232 -14.43 -24.25 -17.86
N ARG D 233 -13.17 -23.81 -17.93
CA ARG D 233 -12.20 -23.96 -16.79
C ARG D 233 -12.75 -23.20 -15.57
N THR D 234 -13.43 -22.07 -15.82
CA THR D 234 -13.96 -21.12 -14.81
C THR D 234 -15.20 -21.76 -14.17
N ARG D 235 -16.04 -22.42 -14.96
CA ARG D 235 -17.20 -23.17 -14.40
C ARG D 235 -16.67 -24.20 -13.38
N LYS D 236 -15.65 -24.99 -13.75
CA LYS D 236 -15.06 -26.08 -12.92
C LYS D 236 -14.02 -25.54 -11.93
N GLY D 237 -14.02 -24.21 -11.71
CA GLY D 237 -12.88 -23.42 -11.19
C GLY D 237 -12.50 -23.86 -9.79
N GLY D 238 -13.48 -23.92 -8.91
CA GLY D 238 -13.39 -24.50 -7.57
C GLY D 238 -13.00 -25.96 -7.57
N GLY D 239 -13.76 -26.86 -8.23
CA GLY D 239 -13.45 -28.31 -8.24
C GLY D 239 -11.99 -28.59 -8.61
N GLU D 240 -11.45 -27.84 -9.57
CA GLU D 240 -10.04 -27.89 -10.04
C GLU D 240 -9.11 -27.87 -8.82
N ILE D 241 -9.37 -26.95 -7.89
CA ILE D 241 -8.47 -26.70 -6.72
C ILE D 241 -8.61 -27.84 -5.70
N VAL D 242 -9.84 -28.23 -5.36
CA VAL D 242 -10.16 -29.37 -4.46
C VAL D 242 -9.56 -30.68 -5.02
N ASN D 243 -9.60 -30.89 -6.35
CA ASN D 243 -8.97 -32.05 -7.03
C ASN D 243 -7.44 -31.96 -6.82
N LEU D 244 -6.85 -30.77 -6.94
CA LEU D 244 -5.38 -30.63 -6.73
C LEU D 244 -5.04 -30.76 -5.23
N LEU D 245 -5.73 -30.03 -4.34
CA LEU D 245 -5.55 -30.12 -2.85
C LEU D 245 -5.75 -31.56 -2.38
N GLY D 246 -6.77 -32.25 -2.91
CA GLY D 246 -7.20 -33.60 -2.50
C GLY D 246 -8.17 -33.55 -1.33
N ASN D 247 -7.93 -32.62 -0.40
CA ASN D 247 -8.52 -32.56 0.97
C ASN D 247 -8.78 -31.10 1.34
N GLY D 248 -10.03 -30.63 1.15
CA GLY D 248 -10.51 -29.24 1.35
C GLY D 248 -10.60 -28.43 0.06
N SER D 249 -11.11 -27.18 0.15
CA SER D 249 -11.39 -26.28 -1.00
C SER D 249 -10.52 -25.01 -0.99
N ALA D 250 -10.61 -24.21 -2.04
CA ALA D 250 -9.73 -23.04 -2.26
C ALA D 250 -9.95 -22.01 -1.12
N TYR D 251 -8.92 -21.28 -0.67
CA TYR D 251 -9.06 -20.29 0.44
C TYR D 251 -8.42 -18.93 0.17
N TYR D 252 -7.34 -18.84 -0.62
CA TYR D 252 -6.66 -17.57 -0.91
C TYR D 252 -7.62 -16.69 -1.71
N ALA D 253 -8.00 -17.15 -2.91
CA ALA D 253 -8.85 -16.45 -3.89
C ALA D 253 -10.20 -16.12 -3.27
N PRO D 254 -10.90 -17.10 -2.64
CA PRO D 254 -12.07 -16.79 -1.83
C PRO D 254 -11.93 -15.64 -0.80
N ALA D 255 -10.86 -15.59 0.00
CA ALA D 255 -10.70 -14.59 1.10
C ALA D 255 -10.47 -13.21 0.49
N ALA D 256 -9.58 -13.11 -0.51
CA ALA D 256 -9.37 -11.88 -1.30
C ALA D 256 -10.73 -11.36 -1.81
N SER D 257 -11.56 -12.21 -2.40
CA SER D 257 -12.91 -11.85 -2.89
C SER D 257 -13.69 -11.18 -1.74
N LEU D 258 -13.78 -11.85 -0.60
CA LEU D 258 -14.45 -11.31 0.62
C LEU D 258 -13.91 -9.92 0.98
N VAL D 259 -12.58 -9.75 0.94
CA VAL D 259 -11.93 -8.48 1.36
C VAL D 259 -12.37 -7.30 0.46
N GLU D 260 -12.35 -7.44 -0.87
CA GLU D 260 -12.77 -6.37 -1.81
C GLU D 260 -14.20 -5.93 -1.50
N MET D 261 -15.10 -6.90 -1.33
CA MET D 261 -16.50 -6.68 -0.90
C MET D 261 -16.56 -6.01 0.48
N VAL D 262 -15.76 -6.46 1.44
CA VAL D 262 -15.70 -5.80 2.78
C VAL D 262 -15.25 -4.35 2.57
N GLU D 263 -14.20 -4.18 1.76
CA GLU D 263 -13.56 -2.85 1.59
C GLU D 263 -14.52 -1.87 0.91
N ALA D 264 -15.40 -2.36 0.02
CA ALA D 264 -16.36 -1.56 -0.77
C ALA D 264 -17.40 -0.99 0.17
N ILE D 265 -17.87 -1.79 1.12
CA ILE D 265 -18.82 -1.33 2.19
C ILE D 265 -18.11 -0.35 3.13
N LEU D 266 -16.86 -0.62 3.53
CA LEU D 266 -16.22 0.12 4.67
C LEU D 266 -15.58 1.44 4.24
N LYS D 267 -15.32 1.64 2.94
CA LYS D 267 -14.83 2.90 2.37
C LYS D 267 -15.86 3.42 1.38
N ASP D 268 -17.13 2.99 1.54
CA ASP D 268 -18.25 3.32 0.64
C ASP D 268 -17.65 3.59 -0.75
N GLN D 269 -17.14 2.56 -1.44
CA GLN D 269 -16.37 2.75 -2.69
C GLN D 269 -17.26 2.69 -3.92
N ARG D 270 -18.50 2.22 -3.73
CA ARG D 270 -19.58 2.20 -4.74
C ARG D 270 -19.03 1.48 -5.99
N ARG D 271 -18.52 0.27 -5.75
CA ARG D 271 -18.04 -0.69 -6.79
C ARG D 271 -19.23 -1.27 -7.54
N ILE D 272 -19.05 -1.44 -8.86
CA ILE D 272 -19.84 -2.38 -9.71
C ILE D 272 -19.14 -3.73 -9.61
N LEU D 273 -19.68 -4.60 -8.75
CA LEU D 273 -19.20 -5.99 -8.51
C LEU D 273 -20.36 -6.94 -8.76
N PRO D 274 -20.11 -8.17 -9.26
CA PRO D 274 -21.14 -9.20 -9.32
C PRO D 274 -21.29 -9.84 -7.94
N ALA D 275 -22.39 -9.56 -7.21
CA ALA D 275 -22.58 -10.08 -5.83
C ALA D 275 -23.78 -11.02 -5.83
N ILE D 276 -24.05 -11.72 -4.72
CA ILE D 276 -25.33 -12.50 -4.54
C ILE D 276 -26.29 -11.62 -3.75
N ALA D 277 -27.49 -11.43 -4.29
CA ALA D 277 -28.43 -10.34 -4.01
C ALA D 277 -29.85 -10.86 -4.18
N TYR D 278 -30.73 -10.55 -3.22
CA TYR D 278 -32.18 -10.83 -3.28
C TYR D 278 -32.75 -10.13 -4.53
N LEU D 279 -33.14 -10.95 -5.52
CA LEU D 279 -33.86 -10.57 -6.75
C LEU D 279 -35.34 -10.38 -6.41
N GLU D 280 -35.93 -9.25 -6.82
CA GLU D 280 -37.35 -8.87 -6.59
C GLU D 280 -38.01 -8.34 -7.88
N GLY D 281 -37.68 -8.94 -9.02
CA GLY D 281 -38.22 -8.59 -10.34
C GLY D 281 -37.13 -8.40 -11.38
N GLU D 282 -35.89 -8.10 -10.96
CA GLU D 282 -34.68 -8.06 -11.81
C GLU D 282 -34.50 -9.40 -12.54
N TYR D 283 -34.24 -9.35 -13.85
CA TYR D 283 -33.94 -10.51 -14.73
C TYR D 283 -35.17 -11.43 -14.80
N GLY D 284 -36.35 -10.91 -14.44
CA GLY D 284 -37.62 -11.67 -14.41
C GLY D 284 -37.68 -12.67 -13.26
N TYR D 285 -36.93 -12.45 -12.18
CA TYR D 285 -36.92 -13.36 -10.99
C TYR D 285 -37.31 -12.56 -9.73
N GLU D 286 -37.88 -13.27 -8.76
CA GLU D 286 -38.26 -12.76 -7.41
C GLU D 286 -37.86 -13.85 -6.40
N GLY D 287 -37.86 -13.51 -5.12
CA GLY D 287 -37.89 -14.46 -3.98
C GLY D 287 -36.68 -15.39 -3.93
N ILE D 288 -35.57 -15.04 -4.58
CA ILE D 288 -34.32 -15.85 -4.55
C ILE D 288 -33.12 -14.91 -4.38
N TYR D 289 -31.99 -15.47 -3.93
CA TYR D 289 -30.65 -14.83 -3.95
C TYR D 289 -29.93 -15.43 -5.15
N LEU D 290 -29.34 -14.56 -5.99
CA LEU D 290 -28.59 -14.97 -7.20
C LEU D 290 -27.39 -14.03 -7.44
N GLY D 291 -26.35 -14.57 -8.05
CA GLY D 291 -25.23 -13.77 -8.63
C GLY D 291 -25.78 -12.80 -9.66
N VAL D 292 -25.56 -11.50 -9.47
CA VAL D 292 -26.11 -10.43 -10.35
C VAL D 292 -25.15 -9.24 -10.37
N PRO D 293 -25.26 -8.32 -11.35
CA PRO D 293 -24.56 -7.03 -11.27
C PRO D 293 -25.05 -6.25 -10.04
N THR D 294 -24.14 -5.58 -9.34
CA THR D 294 -24.46 -4.91 -8.08
C THR D 294 -23.57 -3.67 -7.98
N ILE D 295 -24.06 -2.65 -7.29
CA ILE D 295 -23.22 -1.51 -6.82
C ILE D 295 -23.04 -1.73 -5.33
N LEU D 296 -21.80 -1.99 -4.90
CA LEU D 296 -21.49 -2.37 -3.49
C LEU D 296 -20.83 -1.17 -2.82
N GLY D 297 -21.50 -0.67 -1.80
CA GLY D 297 -21.19 0.65 -1.23
C GLY D 297 -21.46 0.63 0.24
N GLY D 298 -21.46 1.80 0.89
CA GLY D 298 -21.50 1.91 2.36
C GLY D 298 -22.83 1.44 2.92
N ASN D 299 -23.79 1.20 2.03
CA ASN D 299 -25.16 0.75 2.33
C ASN D 299 -25.34 -0.68 1.77
N GLY D 300 -24.25 -1.45 1.69
CA GLY D 300 -24.23 -2.81 1.13
C GLY D 300 -24.62 -2.84 -0.34
N ILE D 301 -25.62 -3.65 -0.70
CA ILE D 301 -26.15 -3.76 -2.09
C ILE D 301 -27.02 -2.52 -2.33
N GLU D 302 -26.48 -1.54 -3.06
CA GLU D 302 -27.14 -0.23 -3.31
C GLU D 302 -28.24 -0.43 -4.35
N LYS D 303 -28.03 -1.34 -5.30
CA LYS D 303 -28.91 -1.58 -6.48
C LYS D 303 -28.37 -2.77 -7.27
N VAL D 304 -29.27 -3.60 -7.79
CA VAL D 304 -28.93 -4.65 -8.79
C VAL D 304 -29.12 -3.99 -10.16
N ILE D 305 -28.16 -4.19 -11.06
CA ILE D 305 -28.20 -3.57 -12.41
C ILE D 305 -28.71 -4.65 -13.36
N GLU D 306 -29.84 -4.36 -14.02
CA GLU D 306 -30.50 -5.25 -15.01
C GLU D 306 -29.81 -5.01 -16.37
N LEU D 307 -29.22 -6.08 -16.90
CA LEU D 307 -28.53 -6.11 -18.20
C LEU D 307 -29.55 -6.52 -19.28
N GLU D 308 -29.35 -6.01 -20.50
CA GLU D 308 -29.97 -6.57 -21.73
C GLU D 308 -29.23 -7.86 -22.06
N LEU D 309 -29.88 -9.01 -21.96
CA LEU D 309 -29.30 -10.34 -22.28
C LEU D 309 -29.82 -10.80 -23.63
N THR D 310 -29.14 -11.77 -24.27
CA THR D 310 -29.70 -12.47 -25.45
C THR D 310 -30.59 -13.58 -24.91
N GLU D 311 -31.38 -14.24 -25.76
CA GLU D 311 -32.32 -15.30 -25.32
C GLU D 311 -31.48 -16.48 -24.78
N GLU D 312 -30.38 -16.80 -25.48
CA GLU D 312 -29.34 -17.80 -25.08
C GLU D 312 -28.87 -17.58 -23.63
N GLU D 313 -28.73 -16.32 -23.24
CA GLU D 313 -28.23 -15.90 -21.91
C GLU D 313 -29.38 -15.95 -20.90
N LYS D 314 -30.59 -15.58 -21.32
CA LYS D 314 -31.82 -15.58 -20.50
C LYS D 314 -32.12 -17.04 -20.13
N ALA D 315 -31.99 -17.95 -21.11
CA ALA D 315 -32.13 -19.42 -20.95
C ALA D 315 -30.95 -19.96 -20.14
N ALA D 316 -29.75 -19.42 -20.36
CA ALA D 316 -28.54 -19.83 -19.62
C ALA D 316 -28.68 -19.41 -18.14
N LEU D 317 -29.30 -18.26 -17.87
CA LEU D 317 -29.48 -17.73 -16.48
C LEU D 317 -30.62 -18.49 -15.77
N ALA D 318 -31.65 -18.89 -16.51
CA ALA D 318 -32.84 -19.63 -16.01
C ALA D 318 -32.40 -21.06 -15.64
N LYS D 319 -31.37 -21.55 -16.32
CA LYS D 319 -30.69 -22.84 -16.04
C LYS D 319 -30.04 -22.75 -14.66
N SER D 320 -29.37 -21.63 -14.37
CA SER D 320 -28.71 -21.33 -13.08
C SER D 320 -29.79 -21.24 -12.00
N VAL D 321 -30.78 -20.37 -12.24
CA VAL D 321 -31.93 -20.16 -11.32
C VAL D 321 -32.60 -21.54 -11.09
N GLU D 322 -32.77 -22.33 -12.14
CA GLU D 322 -33.24 -23.74 -12.08
C GLU D 322 -32.39 -24.53 -11.06
N SER D 323 -31.07 -24.56 -11.20
CA SER D 323 -30.26 -25.32 -10.22
C SER D 323 -30.32 -24.61 -8.88
N VAL D 324 -30.36 -23.28 -8.88
CA VAL D 324 -30.43 -22.50 -7.60
C VAL D 324 -31.73 -22.89 -6.88
N LYS D 325 -32.87 -22.72 -7.52
CA LYS D 325 -34.22 -22.95 -6.92
C LYS D 325 -34.30 -24.43 -6.53
N ASN D 326 -33.81 -25.30 -7.40
CA ASN D 326 -33.70 -26.75 -7.14
C ASN D 326 -32.88 -27.02 -5.86
N VAL D 327 -31.91 -26.15 -5.49
CA VAL D 327 -31.21 -26.19 -4.16
C VAL D 327 -32.10 -25.60 -3.06
N MET D 328 -32.72 -24.44 -3.29
CA MET D 328 -33.58 -23.79 -2.25
C MET D 328 -34.63 -24.80 -1.73
N ARG D 329 -35.08 -25.71 -2.60
CA ARG D 329 -36.14 -26.71 -2.33
C ARG D 329 -35.71 -27.67 -1.21
N MET D 330 -34.41 -27.96 -1.11
CA MET D 330 -33.85 -28.90 -0.10
C MET D 330 -33.92 -28.27 1.29
N LEU D 331 -34.24 -26.96 1.39
CA LEU D 331 -34.27 -26.22 2.67
C LEU D 331 -35.45 -26.67 3.55
N GLU D 332 -35.25 -26.53 4.87
CA GLU D 332 -36.19 -26.57 6.03
C GLU D 332 -35.87 -27.81 6.89
#